data_6NR7
#
_entry.id   6NR7
#
_cell.length_a   56.020
_cell.length_b   126.947
_cell.length_c   351.870
_cell.angle_alpha   90.00
_cell.angle_beta   90.00
_cell.angle_gamma   90.00
#
_symmetry.space_group_name_H-M   'C 2 2 21'
#
loop_
_entity.id
_entity.type
_entity.pdbx_description
1 polymer Vinculin
2 non-polymer 'SULFATE ION'
3 non-polymer '(1R,2R,3S,4R,5R,6S)-4-{[(S)-[(2S)-2,3-dihydroxypropoxy](hydroxy)phosphoryl]oxy}-3,5,6-trihydroxycyclohexane-1,2-diyl bis[dihydrogen (phosphate)]'
4 non-polymer 'PHOSPHATE ION'
5 water water
#
_entity_poly.entity_id   1
_entity_poly.type   'polypeptide(L)'
_entity_poly.pdbx_seq_one_letter_code
;MGSSHHHHHHSSGLVPRGSHMPVFHTRTIESILEPVAQQISHLVIMHEEGEVDGKAIPDLTAPVSAVQAAVSNLVRVGKE
TVQTTEDQILKRDMPPAFIKVENACTKLVRAAQMLQADPYSVPARDYLIDGSRGILSGTSDLLLTFDEAEVRKIIRVCKG
ILEYLTVAEVVETMEDLVTYTKNLGPGMTKMAKMIDERQQELTHQEHRVMLVNSMNTVKELLPVLISAMKIFVTTKNTKS
QGIEEALKNRNFTVEKMSAEINEIIRVLQLTSWDEDAWASKDTEAMKRALALIDSKMNQAKGWLRDPNAPPGDAGEQAIR
QILDEAGKAGELCAGKERREILGTCKTLGQMTDQLADLRARGQGATPMAMQKAQQVSQGLDLLTAKVENAARKLEAMTNS
KQAIAKKIDAAQNWLADPNGGSEGEEHIRGIMSEARKVAELCEEPKERDDILRSLGEISALTAKLSDLRRHGKGDSPEAR
ALAKQIATSLQNLQSKTNRAVANTRPVKAAVHLEGKIEQAQRWIDNPTVDDRGVGQAAIRGLVAEGRRLANVMMGPYRQD
LLAKCDRVDQLAAQLADLAARGEGESPQARAIAAQLQDSLKDLKARMQEAMTQEVSDVFSDTTTPIKLLAVAATAPSDTP
NREEVFEERAANFENHAARLGATAEKAAAVGTANKTTVEGIQATVKSARELTPQVVSAARILLRNPGNQAAYEHFETMKN
QWIDNVEKMTGLVDEAIDTKSLLDASEEAIKKDLDKCKVAMANMQPQMLVAGATSIARRANRILLVAKREVENSEDPKFR
EAVKAASDELSKTISPMVMDAKAVAGNISDPGLQKSFLDSGYRILGAVAKVREAFQPQEPDFPPPPPDLEHLHLTDELAP
PKPPLPEGEVPPPRPPPPEEKDEEFPEQKAGEAINQPMMMAARQLHDEARKWSSKGNDIIAAAKRMALLMAEMSRLVRGG
SGNKRALIQCAKDIAKASDEVTRLAKEVAKQCTDKRIRTNLLQVCERIPTISTQLKILSTVKATMLGRTNISDEESEQAT
EMLVHNAQNLMQSVKETVREAEAASIKIRTDAGFTLRWVRKTPWYQ
;
_entity_poly.pdbx_strand_id   A
#
# COMPACT_ATOMS: atom_id res chain seq x y z
N MET A 1 -49.63 8.18 5.01
CA MET A 1 -48.64 8.85 5.91
C MET A 1 -48.85 10.38 5.91
N GLY A 2 -48.98 10.98 4.72
CA GLY A 2 -49.18 12.43 4.54
C GLY A 2 -50.54 12.88 5.05
N SER A 3 -50.54 13.63 6.16
CA SER A 3 -51.73 13.86 7.03
C SER A 3 -52.41 15.21 6.76
N SER A 4 -52.15 15.86 5.61
CA SER A 4 -52.90 17.06 5.16
C SER A 4 -52.63 17.40 3.69
N HIS A 5 -53.52 18.19 3.09
CA HIS A 5 -53.52 18.64 1.67
C HIS A 5 -52.28 19.51 1.36
N HIS A 6 -52.12 20.65 2.06
CA HIS A 6 -51.17 21.75 1.72
C HIS A 6 -49.74 21.47 2.24
N HIS A 7 -49.54 21.36 3.56
CA HIS A 7 -48.20 21.35 4.21
C HIS A 7 -47.36 20.14 3.75
N HIS A 8 -47.89 18.93 3.86
CA HIS A 8 -47.16 17.67 3.54
C HIS A 8 -46.93 17.58 2.02
N HIS A 9 -45.89 18.27 1.53
CA HIS A 9 -45.42 18.30 0.12
C HIS A 9 -43.98 18.85 0.03
N HIS A 10 -43.70 20.00 0.68
CA HIS A 10 -42.35 20.65 0.75
C HIS A 10 -41.46 19.94 1.78
N SER A 11 -42.06 19.43 2.86
CA SER A 11 -41.39 18.91 4.09
C SER A 11 -40.57 17.66 3.77
N SER A 12 -39.41 17.83 3.12
CA SER A 12 -38.41 16.77 2.81
C SER A 12 -37.28 16.84 3.84
N GLY A 13 -37.64 16.98 5.12
CA GLY A 13 -36.73 17.30 6.24
C GLY A 13 -36.81 16.27 7.36
N LEU A 14 -36.58 14.99 7.04
CA LEU A 14 -36.15 13.93 7.99
C LEU A 14 -34.72 13.55 7.61
N VAL A 15 -33.90 14.56 7.28
CA VAL A 15 -32.71 14.48 6.35
C VAL A 15 -31.41 14.97 7.00
N PRO A 16 -31.11 14.71 8.31
CA PRO A 16 -29.75 14.94 8.81
C PRO A 16 -28.76 13.87 8.33
N ARG A 17 -28.88 12.62 8.81
CA ARG A 17 -27.99 11.48 8.41
C ARG A 17 -28.85 10.20 8.31
N GLY A 18 -29.66 10.10 7.24
CA GLY A 18 -30.77 9.12 7.11
C GLY A 18 -30.55 8.07 6.02
N SER A 19 -29.32 7.91 5.54
CA SER A 19 -28.88 6.76 4.70
C SER A 19 -27.37 6.52 4.89
N HIS A 20 -27.01 5.95 6.05
CA HIS A 20 -25.61 5.80 6.55
C HIS A 20 -25.13 4.35 6.33
N MET A 21 -23.83 4.14 6.28
CA MET A 21 -23.21 2.78 6.21
C MET A 21 -23.39 2.09 7.58
N PRO A 22 -23.51 0.74 7.66
CA PRO A 22 -23.15 -0.01 8.87
C PRO A 22 -21.63 0.03 9.11
N VAL A 23 -21.20 0.01 10.38
CA VAL A 23 -19.76 0.05 10.74
C VAL A 23 -19.45 -1.08 11.72
N PHE A 24 -18.27 -1.69 11.56
CA PHE A 24 -17.73 -2.79 12.42
C PHE A 24 -16.21 -2.65 12.48
N HIS A 25 -15.76 -1.43 12.71
CA HIS A 25 -14.34 -1.03 12.61
C HIS A 25 -13.70 -0.95 14.00
N THR A 26 -14.39 -1.36 15.07
CA THR A 26 -13.74 -1.51 16.41
C THR A 26 -14.18 -2.83 17.06
N ARG A 27 -13.32 -3.40 17.91
CA ARG A 27 -13.53 -4.70 18.59
C ARG A 27 -14.84 -4.65 19.39
N THR A 28 -15.14 -3.50 20.00
CA THR A 28 -16.43 -3.24 20.69
C THR A 28 -17.58 -3.34 19.68
N ILE A 29 -17.49 -2.61 18.56
CA ILE A 29 -18.62 -2.53 17.60
C ILE A 29 -18.87 -3.93 17.03
N GLU A 30 -17.78 -4.62 16.68
CA GLU A 30 -17.80 -5.96 16.05
C GLU A 30 -18.47 -6.92 17.03
N SER A 31 -18.10 -6.82 18.31
CA SER A 31 -18.60 -7.70 19.40
C SER A 31 -20.09 -7.47 19.64
N ILE A 32 -20.59 -6.25 19.45
CA ILE A 32 -22.04 -5.94 19.65
C ILE A 32 -22.82 -6.44 18.41
N LEU A 33 -22.54 -5.93 17.21
CA LEU A 33 -23.29 -6.29 15.97
C LEU A 33 -23.21 -7.81 15.63
N GLU A 34 -22.17 -8.53 16.06
CA GLU A 34 -21.98 -9.96 15.69
C GLU A 34 -23.13 -10.79 16.24
N PRO A 35 -23.42 -10.77 17.55
CA PRO A 35 -24.62 -11.40 18.12
C PRO A 35 -25.99 -10.81 17.73
N VAL A 36 -26.13 -9.48 17.75
CA VAL A 36 -27.36 -8.79 17.28
C VAL A 36 -27.80 -9.42 15.94
N ALA A 37 -26.92 -9.41 14.95
CA ALA A 37 -27.22 -9.93 13.59
C ALA A 37 -27.43 -11.44 13.69
N GLN A 38 -26.75 -12.13 14.63
CA GLN A 38 -26.91 -13.59 14.88
C GLN A 38 -28.39 -13.84 15.20
N GLN A 39 -28.86 -13.20 16.27
CA GLN A 39 -30.27 -13.18 16.72
C GLN A 39 -31.21 -12.78 15.57
N ILE A 40 -30.91 -11.70 14.85
CA ILE A 40 -31.85 -11.09 13.85
C ILE A 40 -31.96 -11.93 12.58
N SER A 41 -31.13 -12.96 12.40
CA SER A 41 -31.12 -13.82 11.17
C SER A 41 -32.22 -14.88 11.29
N HIS A 42 -32.33 -15.50 12.47
CA HIS A 42 -33.51 -16.30 12.86
C HIS A 42 -34.76 -15.62 12.26
N LEU A 43 -35.09 -14.42 12.73
CA LEU A 43 -36.35 -13.70 12.39
C LEU A 43 -36.39 -13.33 10.90
N VAL A 44 -35.26 -13.37 10.17
CA VAL A 44 -35.25 -13.14 8.70
C VAL A 44 -35.39 -14.50 8.01
N ILE A 45 -35.12 -15.61 8.71
CA ILE A 45 -35.40 -16.99 8.19
C ILE A 45 -36.80 -17.45 8.66
N MET A 46 -37.32 -16.91 9.78
CA MET A 46 -38.74 -17.15 10.19
C MET A 46 -39.68 -16.35 9.29
N HIS A 47 -39.36 -15.09 8.95
CA HIS A 47 -40.10 -14.28 7.95
C HIS A 47 -40.18 -15.01 6.60
N GLU A 48 -39.25 -15.90 6.29
CA GLU A 48 -39.32 -16.70 5.04
C GLU A 48 -40.06 -18.02 5.31
N GLU A 49 -40.43 -18.28 6.57
CA GLU A 49 -41.24 -19.45 7.03
C GLU A 49 -42.75 -19.19 6.82
N GLY A 50 -43.10 -18.05 6.20
CA GLY A 50 -44.44 -17.77 5.68
C GLY A 50 -44.46 -17.65 4.16
N GLU A 51 -43.48 -18.24 3.46
CA GLU A 51 -43.32 -18.14 1.99
C GLU A 51 -43.19 -19.54 1.39
N VAL A 52 -42.13 -20.26 1.77
CA VAL A 52 -41.86 -21.66 1.32
C VAL A 52 -43.12 -22.50 1.60
N ASP A 53 -43.39 -22.79 2.88
CA ASP A 53 -44.55 -23.60 3.33
C ASP A 53 -45.76 -22.66 3.50
N GLY A 54 -45.54 -21.34 3.47
CA GLY A 54 -46.58 -20.32 3.74
C GLY A 54 -47.11 -20.46 5.15
N LYS A 55 -46.27 -20.91 6.10
CA LYS A 55 -46.71 -21.55 7.37
C LYS A 55 -46.60 -20.57 8.55
N ALA A 56 -47.05 -21.02 9.72
CA ALA A 56 -47.18 -20.22 10.97
C ALA A 56 -45.78 -19.88 11.50
N ILE A 57 -45.55 -18.61 11.84
CA ILE A 57 -44.27 -18.12 12.41
C ILE A 57 -44.35 -18.20 13.93
N PRO A 58 -43.74 -19.23 14.59
CA PRO A 58 -43.93 -19.52 16.02
C PRO A 58 -43.80 -18.38 17.06
N ASP A 59 -44.03 -18.73 18.33
CA ASP A 59 -43.95 -17.86 19.54
C ASP A 59 -42.68 -17.01 19.44
N LEU A 60 -42.81 -15.68 19.37
CA LEU A 60 -41.67 -14.73 19.21
C LEU A 60 -41.44 -13.89 20.47
N THR A 61 -42.22 -14.09 21.54
CA THR A 61 -42.11 -13.32 22.81
C THR A 61 -40.89 -13.78 23.61
N ALA A 62 -40.17 -14.82 23.16
CA ALA A 62 -38.85 -15.24 23.70
C ALA A 62 -37.73 -14.70 22.81
N PRO A 63 -37.66 -15.00 21.48
CA PRO A 63 -36.65 -14.39 20.61
C PRO A 63 -36.62 -12.86 20.62
N VAL A 64 -37.75 -12.18 20.36
CA VAL A 64 -37.81 -10.70 20.16
C VAL A 64 -37.59 -9.99 21.51
N SER A 65 -37.72 -10.70 22.63
CA SER A 65 -37.47 -10.17 24.00
C SER A 65 -35.96 -10.14 24.29
N ALA A 66 -35.25 -11.23 24.00
CA ALA A 66 -33.77 -11.31 24.16
C ALA A 66 -33.07 -10.35 23.17
N VAL A 67 -33.68 -10.12 22.00
CA VAL A 67 -33.32 -9.05 21.02
C VAL A 67 -33.43 -7.70 21.73
N GLN A 68 -34.61 -7.39 22.27
CA GLN A 68 -34.85 -6.16 23.06
C GLN A 68 -33.85 -6.12 24.22
N ALA A 69 -33.60 -7.24 24.90
CA ALA A 69 -32.70 -7.35 26.09
C ALA A 69 -31.27 -6.94 25.71
N ALA A 70 -30.85 -7.23 24.48
CA ALA A 70 -29.50 -6.93 23.95
C ALA A 70 -29.29 -5.41 23.90
N VAL A 71 -30.17 -4.68 23.21
CA VAL A 71 -29.99 -3.23 22.90
C VAL A 71 -30.72 -2.36 23.93
N SER A 72 -31.27 -2.96 25.00
CA SER A 72 -31.91 -2.26 26.15
C SER A 72 -30.84 -1.50 26.95
N ASN A 73 -29.89 -2.25 27.52
CA ASN A 73 -28.76 -1.71 28.30
C ASN A 73 -28.11 -0.57 27.50
N LEU A 74 -28.01 -0.71 26.17
CA LEU A 74 -27.22 0.20 25.28
C LEU A 74 -27.81 1.61 25.28
N VAL A 75 -29.14 1.76 25.38
CA VAL A 75 -29.82 3.09 25.45
C VAL A 75 -29.95 3.52 26.93
N ARG A 76 -29.88 2.56 27.87
CA ARG A 76 -29.95 2.77 29.35
C ARG A 76 -28.72 3.55 29.85
N VAL A 77 -27.70 3.72 29.00
CA VAL A 77 -26.58 4.68 29.21
C VAL A 77 -26.55 5.68 28.04
N GLY A 78 -27.11 5.31 26.89
CA GLY A 78 -27.18 6.13 25.67
C GLY A 78 -28.12 7.33 25.78
N LYS A 79 -29.13 7.26 26.65
CA LYS A 79 -29.96 8.40 27.11
C LYS A 79 -29.25 9.12 28.26
N GLU A 80 -28.62 8.35 29.17
CA GLU A 80 -27.87 8.89 30.34
C GLU A 80 -26.56 9.54 29.87
N THR A 81 -26.13 9.23 28.65
CA THR A 81 -24.96 9.87 27.98
C THR A 81 -25.31 11.29 27.56
N VAL A 82 -26.42 11.46 26.82
CA VAL A 82 -26.73 12.68 26.00
C VAL A 82 -27.02 13.87 26.92
N GLN A 83 -27.82 13.69 27.98
CA GLN A 83 -28.21 14.81 28.89
C GLN A 83 -27.00 15.21 29.74
N THR A 84 -26.15 14.26 30.14
CA THR A 84 -25.02 14.48 31.09
C THR A 84 -23.97 15.41 30.47
N THR A 85 -23.06 14.88 29.63
CA THR A 85 -21.84 15.60 29.14
C THR A 85 -22.18 16.54 27.97
N GLU A 86 -21.60 17.74 27.99
CA GLU A 86 -21.91 18.87 27.08
C GLU A 86 -21.23 18.66 25.72
N ASP A 87 -21.61 17.60 24.99
CA ASP A 87 -21.16 17.36 23.60
C ASP A 87 -22.28 17.79 22.65
N GLN A 88 -21.98 18.81 21.82
CA GLN A 88 -22.96 19.52 20.96
C GLN A 88 -23.39 18.59 19.80
N ILE A 89 -22.43 17.96 19.10
CA ILE A 89 -22.68 17.11 17.89
C ILE A 89 -23.31 15.79 18.36
N LEU A 90 -22.88 15.27 19.50
CA LEU A 90 -23.50 14.09 20.16
C LEU A 90 -25.00 14.35 20.30
N LYS A 91 -25.34 15.52 20.86
CA LYS A 91 -26.71 15.93 21.28
C LYS A 91 -27.68 15.85 20.09
N ARG A 92 -27.42 16.52 18.97
CA ARG A 92 -28.36 16.55 17.82
C ARG A 92 -28.38 15.22 17.08
N ASP A 93 -27.36 14.35 17.27
CA ASP A 93 -27.17 13.10 16.49
C ASP A 93 -27.60 11.88 17.31
N MET A 94 -27.38 11.87 18.63
CA MET A 94 -27.63 10.67 19.48
C MET A 94 -29.08 10.22 19.37
N PRO A 95 -30.10 11.12 19.51
CA PRO A 95 -31.51 10.72 19.48
C PRO A 95 -32.06 10.11 18.20
N PRO A 96 -31.88 10.72 16.99
CA PRO A 96 -32.52 10.22 15.77
C PRO A 96 -31.98 8.84 15.36
N ALA A 97 -30.78 8.50 15.84
CA ALA A 97 -30.17 7.16 15.83
C ALA A 97 -31.06 6.20 16.63
N PHE A 98 -31.17 6.40 17.96
CA PHE A 98 -31.90 5.46 18.85
C PHE A 98 -33.42 5.67 18.79
N ILE A 99 -33.90 6.66 18.03
CA ILE A 99 -35.36 6.76 17.64
C ILE A 99 -35.66 5.67 16.62
N LYS A 100 -34.65 5.27 15.83
CA LYS A 100 -34.75 4.16 14.86
C LYS A 100 -34.50 2.80 15.54
N VAL A 101 -33.70 2.79 16.62
CA VAL A 101 -33.51 1.60 17.48
C VAL A 101 -34.88 1.24 18.05
N GLU A 102 -35.38 2.06 18.98
CA GLU A 102 -36.66 1.83 19.71
C GLU A 102 -37.80 1.71 18.69
N ASN A 103 -37.75 2.44 17.57
CA ASN A 103 -38.67 2.27 16.42
C ASN A 103 -38.75 0.77 16.10
N ALA A 104 -37.60 0.12 15.92
CA ALA A 104 -37.47 -1.33 15.67
C ALA A 104 -38.02 -2.14 16.85
N CYS A 105 -37.34 -2.16 18.00
CA CYS A 105 -37.65 -3.10 19.13
C CYS A 105 -39.06 -2.84 19.67
N THR A 106 -39.68 -1.71 19.32
CA THR A 106 -41.15 -1.49 19.39
C THR A 106 -41.80 -2.22 18.20
N LYS A 107 -41.45 -1.84 16.97
CA LYS A 107 -42.06 -2.31 15.69
C LYS A 107 -41.91 -3.84 15.50
N LEU A 108 -41.12 -4.52 16.33
CA LEU A 108 -40.98 -6.00 16.32
C LEU A 108 -41.92 -6.61 17.36
N VAL A 109 -42.36 -5.85 18.38
CA VAL A 109 -43.31 -6.33 19.43
C VAL A 109 -44.75 -5.99 19.02
N ARG A 110 -44.95 -5.03 18.09
CA ARG A 110 -46.28 -4.76 17.46
C ARG A 110 -46.63 -5.91 16.51
N ALA A 111 -45.66 -6.29 15.67
CA ALA A 111 -45.72 -7.37 14.65
C ALA A 111 -45.55 -8.76 15.29
N ALA A 112 -45.00 -8.85 16.52
CA ALA A 112 -44.94 -10.09 17.32
C ALA A 112 -46.33 -10.42 17.87
N GLN A 113 -47.05 -9.37 18.29
CA GLN A 113 -48.44 -9.41 18.83
C GLN A 113 -49.43 -9.71 17.70
N MET A 114 -49.13 -9.30 16.47
CA MET A 114 -49.90 -9.67 15.25
C MET A 114 -49.87 -11.19 15.04
N LEU A 115 -48.76 -11.87 15.38
CA LEU A 115 -48.56 -13.32 15.09
C LEU A 115 -48.68 -14.18 16.35
N GLN A 116 -48.51 -13.58 17.54
CA GLN A 116 -48.80 -14.23 18.85
C GLN A 116 -50.30 -14.51 18.90
N ALA A 117 -51.11 -13.51 18.50
CA ALA A 117 -52.57 -13.61 18.28
C ALA A 117 -52.84 -14.50 17.06
N ASP A 118 -52.39 -14.08 15.87
CA ASP A 118 -52.69 -14.73 14.56
C ASP A 118 -51.41 -15.23 13.88
N PRO A 119 -50.86 -16.40 14.29
CA PRO A 119 -49.69 -16.99 13.64
C PRO A 119 -49.63 -16.96 12.10
N TYR A 120 -50.75 -16.63 11.46
CA TYR A 120 -50.84 -16.22 10.03
C TYR A 120 -51.29 -14.76 10.02
N SER A 121 -50.40 -13.84 9.61
CA SER A 121 -50.63 -12.37 9.66
C SER A 121 -49.62 -11.63 8.77
N VAL A 122 -50.08 -11.12 7.62
CA VAL A 122 -49.21 -10.50 6.58
C VAL A 122 -49.06 -8.99 6.78
N PRO A 123 -49.91 -8.28 7.59
CA PRO A 123 -49.55 -6.91 8.02
C PRO A 123 -48.29 -6.80 8.87
N ALA A 124 -47.77 -7.93 9.38
CA ALA A 124 -46.52 -8.02 10.18
C ALA A 124 -45.35 -8.57 9.33
N ARG A 125 -45.62 -9.40 8.31
CA ARG A 125 -44.62 -9.81 7.27
C ARG A 125 -44.45 -8.66 6.26
N ASP A 126 -45.32 -7.64 6.32
CA ASP A 126 -45.10 -6.28 5.80
C ASP A 126 -44.02 -5.63 6.66
N TYR A 127 -44.28 -5.57 7.98
CA TYR A 127 -43.44 -4.91 9.01
C TYR A 127 -42.77 -5.98 9.89
N LEU A 128 -41.94 -6.84 9.28
CA LEU A 128 -40.88 -7.59 10.00
C LEU A 128 -39.51 -7.20 9.44
N ILE A 129 -39.30 -7.27 8.12
CA ILE A 129 -38.01 -6.82 7.50
C ILE A 129 -37.79 -5.33 7.80
N ASP A 130 -38.82 -4.49 7.68
CA ASP A 130 -38.73 -3.04 8.04
C ASP A 130 -38.43 -2.92 9.54
N GLY A 131 -38.84 -3.91 10.33
CA GLY A 131 -38.68 -3.94 11.80
C GLY A 131 -37.32 -4.44 12.20
N SER A 132 -36.80 -5.43 11.47
CA SER A 132 -35.48 -6.08 11.72
C SER A 132 -34.35 -5.12 11.35
N ARG A 133 -34.10 -4.97 10.05
CA ARG A 133 -33.14 -3.99 9.45
C ARG A 133 -32.97 -2.79 10.41
N GLY A 134 -34.08 -2.20 10.83
CA GLY A 134 -34.10 -1.11 11.81
C GLY A 134 -33.12 -1.38 12.91
N ILE A 135 -33.24 -2.51 13.62
CA ILE A 135 -32.37 -2.80 14.79
C ILE A 135 -30.90 -2.88 14.30
N LEU A 136 -30.65 -3.42 13.11
CA LEU A 136 -29.28 -3.44 12.55
C LEU A 136 -28.82 -2.00 12.31
N SER A 137 -29.41 -1.30 11.34
CA SER A 137 -29.14 0.14 11.03
C SER A 137 -29.03 0.94 12.34
N GLY A 138 -30.08 0.86 13.17
CA GLY A 138 -30.17 1.58 14.45
C GLY A 138 -28.91 1.44 15.26
N THR A 139 -28.57 0.22 15.66
CA THR A 139 -27.46 -0.05 16.59
C THR A 139 -26.12 0.34 15.93
N SER A 140 -25.95 0.03 14.65
CA SER A 140 -24.83 0.54 13.82
C SER A 140 -24.64 2.02 14.13
N ASP A 141 -25.65 2.82 13.77
CA ASP A 141 -25.68 4.30 13.91
C ASP A 141 -25.51 4.70 15.39
N LEU A 142 -26.17 3.98 16.32
CA LEU A 142 -26.06 4.20 17.80
C LEU A 142 -24.61 4.00 18.25
N LEU A 143 -24.02 2.83 18.01
CA LEU A 143 -22.62 2.51 18.42
C LEU A 143 -21.64 3.47 17.74
N LEU A 144 -21.90 3.84 16.48
CA LEU A 144 -21.07 4.75 15.64
C LEU A 144 -20.99 6.14 16.29
N THR A 145 -22.12 6.82 16.48
CA THR A 145 -22.23 8.14 17.17
C THR A 145 -21.44 8.10 18.47
N PHE A 146 -21.68 7.06 19.30
CA PHE A 146 -20.99 6.86 20.60
C PHE A 146 -19.47 6.91 20.42
N ASP A 147 -18.96 6.37 19.30
CA ASP A 147 -17.52 6.22 18.98
C ASP A 147 -16.96 7.53 18.41
N GLU A 148 -17.68 8.16 17.46
CA GLU A 148 -17.29 9.44 16.77
C GLU A 148 -16.82 10.47 17.80
N ALA A 149 -17.41 10.46 19.00
CA ALA A 149 -17.04 11.29 20.18
C ALA A 149 -15.72 10.82 20.78
N GLU A 150 -15.57 9.53 21.04
CA GLU A 150 -14.33 8.95 21.63
C GLU A 150 -13.16 9.42 20.77
N VAL A 151 -13.41 9.60 19.47
CA VAL A 151 -12.44 10.04 18.44
C VAL A 151 -12.27 11.56 18.55
N ARG A 152 -13.38 12.30 18.63
CA ARG A 152 -13.44 13.80 18.72
C ARG A 152 -12.65 14.28 19.93
N LYS A 153 -12.75 13.63 21.09
CA LYS A 153 -11.80 13.88 22.21
C LYS A 153 -10.37 13.91 21.68
N ILE A 154 -9.99 12.95 20.84
CA ILE A 154 -8.57 12.70 20.46
C ILE A 154 -8.13 13.80 19.48
N ILE A 155 -8.91 13.99 18.40
CA ILE A 155 -8.59 14.92 17.27
C ILE A 155 -8.41 16.32 17.85
N ARG A 156 -9.29 16.66 18.81
CA ARG A 156 -9.18 17.79 19.78
C ARG A 156 -7.75 17.81 20.37
N VAL A 157 -7.45 16.92 21.32
CA VAL A 157 -6.07 16.82 21.87
C VAL A 157 -5.03 16.97 20.76
N CYS A 158 -5.21 16.34 19.60
CA CYS A 158 -4.20 16.37 18.52
C CYS A 158 -4.11 17.78 17.96
N LYS A 159 -5.22 18.28 17.42
CA LYS A 159 -5.33 19.64 16.82
C LYS A 159 -4.63 20.66 17.72
N GLY A 160 -4.69 20.45 19.05
CA GLY A 160 -4.04 21.26 20.08
C GLY A 160 -2.55 21.36 19.85
N ILE A 161 -1.89 20.21 19.75
CA ILE A 161 -0.41 20.12 19.68
C ILE A 161 0.01 20.52 18.26
N LEU A 162 -0.91 20.44 17.28
CA LEU A 162 -0.76 21.00 15.91
C LEU A 162 -0.58 22.53 16.00
N GLU A 163 -1.50 23.16 16.75
CA GLU A 163 -1.59 24.62 17.04
C GLU A 163 -0.42 25.03 17.93
N TYR A 164 0.03 24.14 18.84
CA TYR A 164 1.13 24.45 19.79
C TYR A 164 2.49 24.34 19.11
N LEU A 165 2.60 23.69 17.96
CA LEU A 165 3.91 23.67 17.26
C LEU A 165 4.10 25.02 16.53
N THR A 166 3.00 25.72 16.19
CA THR A 166 3.05 27.07 15.57
C THR A 166 3.94 27.98 16.43
N VAL A 167 3.62 28.07 17.73
CA VAL A 167 4.31 28.92 18.74
C VAL A 167 5.78 28.48 18.88
N ALA A 168 6.29 27.63 17.99
CA ALA A 168 7.75 27.37 17.86
C ALA A 168 8.46 28.61 17.30
N GLU A 169 7.80 29.36 16.39
CA GLU A 169 8.38 30.54 15.68
C GLU A 169 8.49 31.74 16.65
N VAL A 170 7.64 31.79 17.67
CA VAL A 170 7.60 32.85 18.71
C VAL A 170 8.63 32.55 19.81
N VAL A 171 9.40 31.46 19.71
CA VAL A 171 10.42 31.08 20.74
C VAL A 171 11.81 31.63 20.33
N GLU A 172 12.28 32.64 21.07
CA GLU A 172 13.59 33.35 20.91
C GLU A 172 14.56 32.97 22.03
N THR A 173 14.12 33.03 23.30
CA THR A 173 14.99 33.01 24.51
C THR A 173 15.20 31.56 25.02
N MET A 174 16.45 31.11 25.13
CA MET A 174 16.86 29.84 25.79
C MET A 174 16.14 29.70 27.14
N GLU A 175 15.86 30.82 27.81
CA GLU A 175 15.05 30.93 29.06
C GLU A 175 13.66 30.33 28.84
N ASP A 176 13.04 30.69 27.71
CA ASP A 176 11.67 30.25 27.30
C ASP A 176 11.72 28.82 26.75
N LEU A 177 12.72 28.49 25.91
CA LEU A 177 12.81 27.18 25.18
C LEU A 177 12.41 26.04 26.13
N VAL A 178 13.12 25.88 27.24
CA VAL A 178 13.01 24.69 28.11
C VAL A 178 11.65 24.72 28.85
N THR A 179 10.94 25.87 28.85
CA THR A 179 9.54 25.97 29.36
C THR A 179 8.56 25.60 28.23
N TYR A 180 9.01 25.53 26.97
CA TYR A 180 8.25 24.95 25.82
C TYR A 180 8.12 23.44 26.03
N THR A 181 9.26 22.80 26.31
CA THR A 181 9.35 21.36 26.68
C THR A 181 8.46 21.11 27.90
N LYS A 182 8.49 22.00 28.89
CA LYS A 182 7.72 21.85 30.16
C LYS A 182 6.24 21.63 29.83
N ASN A 183 5.71 22.35 28.83
CA ASN A 183 4.25 22.46 28.55
C ASN A 183 3.90 21.72 27.24
N LEU A 184 4.89 21.28 26.47
CA LEU A 184 4.67 20.37 25.31
C LEU A 184 4.66 18.93 25.84
N GLY A 185 5.71 18.55 26.57
CA GLY A 185 5.84 17.24 27.23
C GLY A 185 4.49 16.59 27.54
N PRO A 186 3.69 17.14 28.48
CA PRO A 186 2.54 16.44 29.04
C PRO A 186 1.49 16.20 27.95
N GLY A 187 1.38 17.14 27.02
CA GLY A 187 0.39 17.10 25.92
C GLY A 187 0.84 16.24 24.75
N MET A 188 2.00 15.58 24.83
CA MET A 188 2.43 14.59 23.80
C MET A 188 2.26 13.18 24.34
N THR A 189 2.53 12.95 25.64
CA THR A 189 2.32 11.62 26.25
C THR A 189 0.82 11.31 26.17
N LYS A 190 -0.06 12.24 26.56
CA LYS A 190 -1.51 12.02 26.45
C LYS A 190 -1.91 11.72 24.98
N MET A 191 -1.33 12.39 23.96
CA MET A 191 -1.64 12.09 22.53
C MET A 191 -1.21 10.65 22.26
N ALA A 192 0.09 10.35 22.36
CA ALA A 192 0.63 8.98 22.18
C ALA A 192 -0.26 8.01 22.95
N LYS A 193 -0.51 8.23 24.25
CA LYS A 193 -1.41 7.37 25.07
C LYS A 193 -2.80 7.27 24.44
N MET A 194 -3.46 8.38 24.14
CA MET A 194 -4.81 8.33 23.54
C MET A 194 -4.75 7.42 22.31
N ILE A 195 -3.73 7.60 21.45
CA ILE A 195 -3.58 6.94 20.12
C ILE A 195 -3.37 5.43 20.31
N ASP A 196 -2.38 5.06 21.14
CA ASP A 196 -1.97 3.66 21.45
C ASP A 196 -3.19 2.85 21.91
N GLU A 197 -3.94 3.35 22.89
CA GLU A 197 -5.20 2.75 23.42
C GLU A 197 -6.19 2.57 22.26
N ARG A 198 -6.33 3.56 21.38
CA ARG A 198 -7.33 3.58 20.27
C ARG A 198 -6.95 2.53 19.22
N GLN A 199 -5.65 2.33 18.96
CA GLN A 199 -5.15 1.40 17.91
C GLN A 199 -5.54 -0.03 18.31
N GLN A 200 -5.25 -0.45 19.54
CA GLN A 200 -5.73 -1.71 20.16
C GLN A 200 -7.15 -2.05 19.71
N GLU A 201 -8.05 -1.06 19.71
CA GLU A 201 -9.50 -1.29 19.52
C GLU A 201 -9.83 -1.49 18.03
N LEU A 202 -8.90 -1.20 17.12
CA LEU A 202 -9.22 -1.11 15.67
C LEU A 202 -9.18 -2.50 15.02
N THR A 203 -10.11 -2.76 14.10
CA THR A 203 -10.18 -4.01 13.31
C THR A 203 -9.26 -3.86 12.11
N HIS A 204 -9.34 -2.78 11.34
CA HIS A 204 -8.63 -2.69 10.03
C HIS A 204 -7.15 -2.46 10.32
N GLN A 205 -6.24 -3.41 10.03
CA GLN A 205 -4.81 -3.34 10.47
C GLN A 205 -4.08 -2.30 9.63
N GLU A 206 -4.31 -2.41 8.33
CA GLU A 206 -4.12 -1.33 7.35
C GLU A 206 -4.06 0.01 8.10
N HIS A 207 -5.03 0.29 8.98
CA HIS A 207 -5.11 1.53 9.79
C HIS A 207 -4.15 1.47 10.97
N ARG A 208 -4.25 0.44 11.80
CA ARG A 208 -3.43 0.36 13.03
C ARG A 208 -1.96 0.63 12.69
N VAL A 209 -1.52 0.33 11.47
CA VAL A 209 -0.08 0.54 11.11
C VAL A 209 0.14 2.02 10.78
N MET A 210 -0.69 2.63 9.93
CA MET A 210 -0.59 4.07 9.63
C MET A 210 -0.56 4.86 10.96
N LEU A 211 -1.45 4.58 11.90
CA LEU A 211 -1.34 5.21 13.24
C LEU A 211 0.04 4.94 13.84
N VAL A 212 0.37 3.67 14.09
CA VAL A 212 1.57 3.26 14.89
C VAL A 212 2.85 3.81 14.25
N ASN A 213 2.88 3.85 12.92
CA ASN A 213 4.05 4.40 12.19
C ASN A 213 4.12 5.90 12.42
N SER A 214 3.01 6.61 12.17
CA SER A 214 2.93 8.10 12.21
C SER A 214 3.39 8.63 13.58
N MET A 215 2.76 8.18 14.67
CA MET A 215 3.07 8.54 16.09
C MET A 215 4.53 8.20 16.46
N ASN A 216 5.19 7.24 15.80
CA ASN A 216 6.61 6.90 16.08
C ASN A 216 7.50 7.96 15.45
N THR A 217 7.24 8.35 14.19
CA THR A 217 7.96 9.43 13.47
C THR A 217 7.97 10.67 14.37
N VAL A 218 6.80 10.99 14.91
CA VAL A 218 6.54 12.07 15.88
C VAL A 218 7.53 11.98 17.05
N LYS A 219 7.72 10.78 17.60
CA LYS A 219 8.63 10.57 18.74
C LYS A 219 10.09 10.72 18.30
N GLU A 220 10.48 10.17 17.15
CA GLU A 220 11.87 10.31 16.63
C GLU A 220 12.15 11.78 16.23
N LEU A 221 11.11 12.63 16.24
CA LEU A 221 11.18 14.09 15.91
C LEU A 221 10.81 14.98 17.12
N LEU A 222 11.01 14.53 18.36
CA LEU A 222 11.21 15.45 19.52
C LEU A 222 12.71 15.63 19.72
N PRO A 223 13.51 14.57 19.97
CA PRO A 223 14.97 14.67 19.90
C PRO A 223 15.54 15.63 18.84
N VAL A 224 14.78 15.96 17.79
CA VAL A 224 15.25 16.87 16.71
C VAL A 224 14.69 18.30 16.92
N LEU A 225 13.37 18.46 17.06
CA LEU A 225 12.69 19.77 17.34
C LEU A 225 13.24 20.35 18.64
N ILE A 226 13.56 19.49 19.61
CA ILE A 226 14.26 19.93 20.86
C ILE A 226 15.60 20.55 20.41
N SER A 227 16.47 19.73 19.81
CA SER A 227 17.79 20.17 19.30
C SER A 227 17.63 21.49 18.50
N ALA A 228 16.80 21.53 17.45
CA ALA A 228 16.78 22.60 16.42
C ALA A 228 16.52 23.99 17.04
N MET A 229 15.79 24.04 18.15
CA MET A 229 15.46 25.28 18.87
C MET A 229 16.69 25.70 19.69
N LYS A 230 17.45 24.73 20.21
CA LYS A 230 18.67 24.99 21.00
C LYS A 230 19.76 25.58 20.09
N ILE A 231 19.93 25.10 18.85
CA ILE A 231 20.95 25.64 17.90
C ILE A 231 20.41 26.86 17.18
N PHE A 232 19.15 27.24 17.45
CA PHE A 232 18.55 28.53 17.04
C PHE A 232 18.75 29.57 18.16
N VAL A 233 18.67 29.17 19.43
CA VAL A 233 18.91 30.09 20.59
C VAL A 233 20.43 30.17 20.86
N THR A 234 21.20 29.11 20.57
CA THR A 234 22.68 29.15 20.70
C THR A 234 23.21 30.22 19.74
N THR A 235 22.63 30.34 18.55
CA THR A 235 22.99 31.37 17.54
C THR A 235 22.11 32.62 17.74
N LYS A 236 22.33 33.34 18.84
CA LYS A 236 21.79 34.70 19.09
C LYS A 236 22.92 35.60 19.59
N ASN A 237 23.83 35.96 18.67
CA ASN A 237 25.07 36.73 18.96
C ASN A 237 25.71 37.17 17.62
N THR A 238 26.43 38.30 17.66
CA THR A 238 27.06 39.00 16.49
C THR A 238 28.00 38.06 15.72
N LYS A 239 28.46 36.99 16.36
CA LYS A 239 29.21 35.86 15.73
C LYS A 239 28.23 34.68 15.55
N SER A 240 27.44 34.71 14.46
CA SER A 240 26.51 33.63 14.03
C SER A 240 25.98 33.94 12.61
N GLN A 241 26.79 33.67 11.58
CA GLN A 241 26.59 34.14 10.17
C GLN A 241 25.43 33.38 9.52
N GLY A 242 25.64 32.09 9.19
CA GLY A 242 24.61 31.17 8.66
C GLY A 242 23.60 30.80 9.74
N ILE A 243 22.87 31.79 10.24
CA ILE A 243 22.00 31.68 11.46
C ILE A 243 20.75 30.88 11.09
N GLU A 244 20.33 30.90 9.82
CA GLU A 244 18.96 30.49 9.39
C GLU A 244 18.93 29.02 8.98
N GLU A 245 20.07 28.41 8.68
CA GLU A 245 20.21 26.94 8.49
C GLU A 245 19.60 26.22 9.70
N ALA A 246 19.82 26.75 10.92
CA ALA A 246 19.07 26.38 12.15
C ALA A 246 17.57 26.55 11.90
N LEU A 247 17.14 27.77 11.58
CA LEU A 247 15.69 28.14 11.47
C LEU A 247 14.99 27.19 10.49
N LYS A 248 15.67 26.69 9.45
CA LYS A 248 15.03 25.84 8.41
C LYS A 248 15.22 24.36 8.73
N ASN A 249 16.30 23.99 9.43
CA ASN A 249 16.42 22.68 10.11
C ASN A 249 15.29 22.58 11.13
N ARG A 250 14.89 23.70 11.71
CA ARG A 250 13.85 23.76 12.77
C ARG A 250 12.46 23.76 12.15
N ASN A 251 12.27 24.30 10.95
CA ASN A 251 10.90 24.42 10.37
C ASN A 251 10.60 23.17 9.56
N PHE A 252 11.63 22.49 9.04
CA PHE A 252 11.50 21.09 8.52
C PHE A 252 10.87 20.22 9.60
N THR A 253 11.45 20.24 10.80
CA THR A 253 10.98 19.43 11.94
C THR A 253 9.52 19.76 12.27
N VAL A 254 9.09 21.00 12.09
CA VAL A 254 7.72 21.46 12.49
C VAL A 254 6.72 21.07 11.39
N GLU A 255 7.12 21.16 10.11
CA GLU A 255 6.29 20.81 8.94
C GLU A 255 6.00 19.30 8.93
N LYS A 256 7.03 18.47 9.10
CA LYS A 256 6.93 17.00 8.99
C LYS A 256 6.13 16.48 10.17
N MET A 257 6.56 16.73 11.41
CA MET A 257 5.71 16.43 12.59
C MET A 257 4.26 16.85 12.27
N SER A 258 4.03 18.05 11.74
CA SER A 258 2.65 18.57 11.48
C SER A 258 1.94 17.70 10.43
N ALA A 259 2.68 17.19 9.43
CA ALA A 259 2.13 16.33 8.35
C ALA A 259 1.85 14.92 8.89
N GLU A 260 2.55 14.50 9.94
CA GLU A 260 2.25 13.22 10.61
C GLU A 260 1.01 13.39 11.49
N ILE A 261 0.97 14.41 12.37
CA ILE A 261 -0.18 14.65 13.29
C ILE A 261 -1.46 14.73 12.46
N ASN A 262 -1.37 15.42 11.32
CA ASN A 262 -2.47 15.51 10.35
C ASN A 262 -2.80 14.13 9.80
N GLU A 263 -1.81 13.35 9.35
CA GLU A 263 -2.07 11.98 8.85
C GLU A 263 -2.78 11.17 9.97
N ILE A 264 -2.28 11.24 11.19
CA ILE A 264 -2.97 10.61 12.35
C ILE A 264 -4.45 11.06 12.41
N ILE A 265 -4.70 12.37 12.52
CA ILE A 265 -6.09 12.91 12.67
C ILE A 265 -6.97 12.28 11.58
N ARG A 266 -6.54 12.27 10.33
CA ARG A 266 -7.31 11.76 9.16
C ARG A 266 -7.61 10.26 9.32
N VAL A 267 -6.56 9.49 9.64
CA VAL A 267 -6.64 8.01 9.75
C VAL A 267 -7.59 7.67 10.89
N LEU A 268 -7.72 8.53 11.92
CA LEU A 268 -8.53 8.23 13.13
C LEU A 268 -10.01 8.24 12.78
N GLN A 269 -10.41 9.09 11.83
CA GLN A 269 -11.84 9.30 11.50
C GLN A 269 -12.29 8.24 10.51
N LEU A 270 -11.43 7.27 10.19
CA LEU A 270 -11.77 6.17 9.28
C LEU A 270 -12.69 5.21 10.03
N THR A 271 -13.76 4.81 9.34
CA THR A 271 -14.81 3.88 9.82
C THR A 271 -14.80 2.63 8.93
N SER A 272 -14.24 2.74 7.73
CA SER A 272 -14.29 1.66 6.72
C SER A 272 -13.02 1.70 5.85
N TRP A 273 -13.11 1.25 4.60
CA TRP A 273 -11.98 1.24 3.63
C TRP A 273 -11.58 2.69 3.35
N ASP A 274 -10.44 2.91 2.69
CA ASP A 274 -9.76 4.23 2.63
C ASP A 274 -9.51 4.56 1.15
N GLU A 275 -10.16 5.60 0.63
CA GLU A 275 -10.09 5.93 -0.82
C GLU A 275 -9.05 7.03 -1.06
N ASP A 276 -8.69 7.81 -0.03
CA ASP A 276 -7.85 9.03 -0.16
C ASP A 276 -6.35 8.72 0.02
N ALA A 277 -6.00 7.53 0.46
CA ALA A 277 -4.58 7.07 0.57
C ALA A 277 -3.83 7.36 -0.74
N TRP A 278 -4.39 7.04 -1.89
CA TRP A 278 -3.60 6.87 -3.13
C TRP A 278 -2.93 8.21 -3.50
N ALA A 279 -3.59 9.32 -3.25
CA ALA A 279 -3.14 10.67 -3.67
C ALA A 279 -1.80 11.07 -3.02
N SER A 280 -1.53 10.62 -1.79
CA SER A 280 -0.24 10.83 -1.08
C SER A 280 0.81 9.90 -1.69
N LYS A 281 0.41 8.69 -2.08
CA LYS A 281 1.31 7.68 -2.71
C LYS A 281 1.94 8.30 -3.98
N ASP A 282 1.08 8.76 -4.89
CA ASP A 282 1.44 9.36 -6.20
C ASP A 282 2.16 10.68 -5.98
N THR A 283 1.70 11.48 -5.01
CA THR A 283 2.30 12.80 -4.68
C THR A 283 3.75 12.58 -4.28
N GLU A 284 4.00 11.65 -3.36
CA GLU A 284 5.35 11.15 -3.00
C GLU A 284 6.14 10.74 -4.27
N ALA A 285 5.57 9.87 -5.11
CA ALA A 285 6.21 9.30 -6.32
C ALA A 285 6.74 10.37 -7.28
N MET A 286 6.06 11.52 -7.36
CA MET A 286 6.41 12.60 -8.32
C MET A 286 7.54 13.38 -7.68
N LYS A 287 7.49 13.59 -6.36
CA LYS A 287 8.58 14.27 -5.62
C LYS A 287 9.87 13.45 -5.85
N ARG A 288 9.72 12.13 -5.83
CA ARG A 288 10.78 11.10 -6.08
C ARG A 288 11.29 11.24 -7.51
N ALA A 289 10.40 11.27 -8.50
CA ALA A 289 10.73 11.46 -9.92
C ALA A 289 11.49 12.78 -10.09
N LEU A 290 10.87 13.90 -9.70
CA LEU A 290 11.42 15.29 -9.78
C LEU A 290 12.83 15.34 -9.18
N ALA A 291 12.97 14.91 -7.93
CA ALA A 291 14.25 14.75 -7.24
C ALA A 291 15.29 14.11 -8.17
N LEU A 292 15.08 12.87 -8.61
CA LEU A 292 16.02 12.16 -9.53
C LEU A 292 16.37 13.05 -10.72
N ILE A 293 15.37 13.63 -11.40
CA ILE A 293 15.59 14.60 -12.51
C ILE A 293 16.50 15.71 -11.96
N ASP A 294 16.00 16.55 -11.05
CA ASP A 294 16.73 17.68 -10.41
C ASP A 294 18.22 17.34 -10.33
N SER A 295 18.58 16.11 -9.94
CA SER A 295 19.99 15.66 -9.78
C SER A 295 20.68 15.50 -11.15
N LYS A 296 20.00 14.86 -12.11
CA LYS A 296 20.63 14.46 -13.40
C LYS A 296 20.49 15.59 -14.43
N MET A 297 20.00 16.78 -14.04
CA MET A 297 19.69 17.87 -14.99
C MET A 297 20.99 18.45 -15.55
N ASN A 298 21.78 19.15 -14.73
CA ASN A 298 23.01 19.88 -15.17
C ASN A 298 24.05 18.87 -15.69
N GLN A 299 24.07 17.66 -15.13
CA GLN A 299 24.99 16.55 -15.51
C GLN A 299 24.75 16.14 -16.98
N ALA A 300 23.73 16.69 -17.62
CA ALA A 300 23.33 16.38 -19.02
C ALA A 300 22.76 17.60 -19.72
N LYS A 301 22.73 18.76 -19.06
CA LYS A 301 22.51 20.07 -19.71
C LYS A 301 23.84 20.47 -20.36
N GLY A 302 24.95 19.95 -19.83
CA GLY A 302 26.31 20.09 -20.37
C GLY A 302 26.55 19.20 -21.59
N TRP A 303 25.69 18.21 -21.80
CA TRP A 303 25.68 17.35 -23.01
C TRP A 303 25.33 18.19 -24.22
N LEU A 304 24.36 19.09 -24.08
CA LEU A 304 23.73 19.83 -25.21
C LEU A 304 24.54 21.10 -25.44
N ARG A 305 24.87 21.83 -24.37
CA ARG A 305 25.79 23.00 -24.37
C ARG A 305 27.00 22.68 -25.24
N ASP A 306 27.55 21.46 -25.10
CA ASP A 306 28.83 21.00 -25.71
C ASP A 306 28.59 20.47 -27.12
N PRO A 307 29.28 21.01 -28.16
CA PRO A 307 29.16 20.47 -29.51
C PRO A 307 29.81 19.08 -29.62
N ASN A 308 30.95 18.88 -28.94
CA ASN A 308 31.73 17.61 -28.93
C ASN A 308 30.76 16.44 -28.70
N ALA A 309 30.94 15.36 -29.45
CA ALA A 309 29.98 14.24 -29.62
C ALA A 309 30.48 12.99 -28.91
N PRO A 310 29.96 12.63 -27.71
CA PRO A 310 30.06 11.27 -27.17
C PRO A 310 28.75 10.49 -27.03
N PRO A 311 27.93 10.38 -28.09
CA PRO A 311 26.57 9.81 -27.97
C PRO A 311 26.53 8.32 -27.60
N GLY A 312 26.55 8.01 -26.30
CA GLY A 312 26.57 6.61 -25.81
C GLY A 312 26.00 6.50 -24.41
N ASP A 313 26.87 6.50 -23.40
CA ASP A 313 26.57 6.05 -22.01
C ASP A 313 26.91 7.13 -20.96
N ALA A 314 27.64 8.19 -21.32
CA ALA A 314 28.22 9.16 -20.34
C ALA A 314 27.14 10.11 -19.79
N GLY A 315 26.54 10.92 -20.67
CA GLY A 315 25.51 11.93 -20.31
C GLY A 315 24.47 12.13 -21.40
N GLU A 316 24.35 11.14 -22.30
CA GLU A 316 23.13 10.93 -23.13
C GLU A 316 22.14 10.14 -22.27
N GLN A 317 22.58 9.00 -21.72
CA GLN A 317 21.79 8.15 -20.78
C GLN A 317 21.42 8.97 -19.54
N ALA A 318 22.09 10.10 -19.31
CA ALA A 318 21.69 11.10 -18.29
C ALA A 318 20.43 11.80 -18.77
N ILE A 319 20.32 12.17 -20.06
CA ILE A 319 19.11 12.86 -20.63
C ILE A 319 17.93 11.87 -20.63
N ARG A 320 18.14 10.63 -21.10
CA ARG A 320 17.00 9.68 -21.25
C ARG A 320 16.55 9.17 -19.87
N GLN A 321 17.42 9.15 -18.86
CA GLN A 321 17.01 8.94 -17.44
C GLN A 321 15.90 9.95 -17.12
N ILE A 322 16.19 11.25 -17.24
CA ILE A 322 15.21 12.35 -17.01
C ILE A 322 13.92 11.99 -17.73
N LEU A 323 14.01 11.72 -19.03
CA LEU A 323 12.83 11.50 -19.90
C LEU A 323 12.08 10.22 -19.48
N ASP A 324 12.72 9.26 -18.83
CA ASP A 324 12.03 8.07 -18.27
C ASP A 324 11.30 8.50 -16.99
N GLU A 325 12.00 9.25 -16.12
CA GLU A 325 11.48 9.57 -14.77
C GLU A 325 10.32 10.57 -14.90
N ALA A 326 10.40 11.49 -15.86
CA ALA A 326 9.32 12.46 -16.16
C ALA A 326 8.18 11.71 -16.85
N GLY A 327 8.49 10.66 -17.62
CA GLY A 327 7.48 9.77 -18.20
C GLY A 327 6.70 9.03 -17.12
N LYS A 328 7.41 8.57 -16.07
CA LYS A 328 6.85 7.83 -14.91
C LYS A 328 5.89 8.72 -14.11
N ALA A 329 6.24 10.01 -13.94
CA ALA A 329 5.41 11.03 -13.25
C ALA A 329 4.12 11.25 -14.05
N GLY A 330 4.23 11.66 -15.32
CA GLY A 330 3.08 11.82 -16.23
C GLY A 330 2.12 10.63 -16.17
N GLU A 331 2.63 9.41 -15.96
CA GLU A 331 1.82 8.17 -15.86
C GLU A 331 0.77 8.36 -14.76
N LEU A 332 1.19 8.84 -13.57
CA LEU A 332 0.35 8.98 -12.35
C LEU A 332 -0.67 10.11 -12.49
N CYS A 333 -0.60 10.87 -13.58
CA CYS A 333 -1.63 11.86 -13.98
C CYS A 333 -2.79 11.12 -14.68
N ALA A 334 -3.96 11.76 -14.73
CA ALA A 334 -5.16 11.25 -15.44
C ALA A 334 -5.63 12.32 -16.42
N GLY A 335 -6.61 12.00 -17.27
CA GLY A 335 -7.14 12.93 -18.29
C GLY A 335 -6.08 13.28 -19.33
N LYS A 336 -6.02 14.53 -19.77
CA LYS A 336 -5.07 14.99 -20.82
C LYS A 336 -4.04 15.97 -20.22
N GLU A 337 -3.88 16.01 -18.88
CA GLU A 337 -2.69 16.59 -18.22
C GLU A 337 -1.58 15.55 -18.28
N ARG A 338 -1.99 14.28 -18.43
CA ARG A 338 -1.14 13.07 -18.64
C ARG A 338 -0.65 13.04 -20.09
N ARG A 339 -1.58 13.17 -21.04
CA ARG A 339 -1.33 12.99 -22.49
C ARG A 339 -0.32 14.04 -22.96
N GLU A 340 -0.45 15.28 -22.47
CA GLU A 340 0.51 16.38 -22.75
C GLU A 340 1.89 15.93 -22.26
N ILE A 341 2.03 15.63 -20.97
CA ILE A 341 3.35 15.35 -20.30
C ILE A 341 4.05 14.19 -21.00
N LEU A 342 3.35 13.07 -21.27
CA LEU A 342 3.88 11.93 -22.06
C LEU A 342 4.05 12.35 -23.53
N GLY A 343 3.18 13.23 -24.03
CA GLY A 343 3.29 13.83 -25.37
C GLY A 343 4.62 14.57 -25.55
N THR A 344 5.08 15.27 -24.53
CA THR A 344 6.36 16.04 -24.54
C THR A 344 7.51 15.04 -24.48
N CYS A 345 7.35 13.96 -23.70
CA CYS A 345 8.38 12.89 -23.52
C CYS A 345 8.73 12.27 -24.88
N LYS A 346 7.76 11.95 -25.73
CA LYS A 346 8.03 11.25 -27.03
C LYS A 346 8.55 12.25 -28.08
N THR A 347 8.19 13.53 -28.00
CA THR A 347 8.77 14.62 -28.85
C THR A 347 10.27 14.78 -28.52
N LEU A 348 10.60 15.13 -27.27
CA LEU A 348 12.01 15.36 -26.85
C LEU A 348 12.73 14.01 -26.86
N GLY A 349 11.98 12.90 -26.87
CA GLY A 349 12.48 11.52 -26.98
C GLY A 349 13.09 11.24 -28.36
N GLN A 350 12.50 11.79 -29.42
CA GLN A 350 12.97 11.60 -30.82
C GLN A 350 13.99 12.70 -31.16
N MET A 351 13.78 13.93 -30.69
CA MET A 351 14.74 15.06 -30.87
C MET A 351 16.13 14.61 -30.41
N THR A 352 16.24 13.83 -29.33
CA THR A 352 17.53 13.25 -28.85
C THR A 352 18.06 12.24 -29.87
N ASP A 353 17.21 11.36 -30.40
CA ASP A 353 17.61 10.37 -31.45
C ASP A 353 18.11 11.13 -32.67
N GLN A 354 17.34 12.15 -33.11
CA GLN A 354 17.72 13.08 -34.20
C GLN A 354 19.16 13.55 -33.99
N LEU A 355 19.47 14.01 -32.77
CA LEU A 355 20.81 14.52 -32.36
C LEU A 355 21.81 13.36 -32.26
N ALA A 356 21.52 12.34 -31.45
CA ALA A 356 22.46 11.25 -31.10
C ALA A 356 23.00 10.60 -32.36
N ASP A 357 22.16 10.42 -33.38
CA ASP A 357 22.57 9.91 -34.72
C ASP A 357 23.50 10.95 -35.38
N LEU A 358 23.14 12.24 -35.32
CA LEU A 358 23.90 13.38 -35.91
C LEU A 358 25.23 13.60 -35.18
N ARG A 359 25.39 13.11 -33.94
CA ARG A 359 26.62 13.30 -33.12
C ARG A 359 27.70 12.30 -33.54
N ALA A 360 27.30 11.06 -33.89
CA ALA A 360 28.16 10.04 -34.55
C ALA A 360 28.70 10.60 -35.87
N ARG A 361 27.88 11.41 -36.57
CA ARG A 361 28.18 12.06 -37.88
C ARG A 361 29.04 13.32 -37.66
N GLY A 362 29.58 13.52 -36.45
CA GLY A 362 30.49 14.63 -36.07
C GLY A 362 29.83 16.01 -36.16
N GLN A 363 28.49 16.08 -36.16
CA GLN A 363 27.70 17.29 -36.55
C GLN A 363 27.37 18.15 -35.32
N GLY A 364 28.32 18.27 -34.38
CA GLY A 364 28.16 18.98 -33.10
C GLY A 364 27.97 20.49 -33.27
N ALA A 365 28.58 21.09 -34.29
CA ALA A 365 28.62 22.56 -34.52
C ALA A 365 27.86 22.96 -35.80
N THR A 366 27.06 22.04 -36.38
CA THR A 366 26.13 22.34 -37.50
C THR A 366 25.04 23.30 -37.00
N PRO A 367 24.67 24.35 -37.76
CA PRO A 367 23.73 25.38 -37.28
C PRO A 367 22.28 24.94 -36.96
N MET A 368 21.81 23.86 -37.60
CA MET A 368 20.50 23.22 -37.27
C MET A 368 20.66 22.31 -36.04
N ALA A 369 21.82 21.63 -35.92
CA ALA A 369 22.13 20.62 -34.87
C ALA A 369 22.44 21.27 -33.51
N MET A 370 23.14 22.41 -33.49
CA MET A 370 23.31 23.28 -32.27
C MET A 370 21.92 23.78 -31.87
N GLN A 371 21.14 24.24 -32.85
CA GLN A 371 19.78 24.78 -32.66
C GLN A 371 18.89 23.68 -32.06
N LYS A 372 18.99 22.45 -32.56
CA LYS A 372 18.11 21.34 -32.12
C LYS A 372 18.44 20.93 -30.68
N ALA A 373 19.73 20.95 -30.30
CA ALA A 373 20.21 20.65 -28.93
C ALA A 373 19.81 21.81 -28.00
N GLN A 374 19.67 23.01 -28.54
CA GLN A 374 19.10 24.16 -27.80
C GLN A 374 17.65 23.78 -27.42
N GLN A 375 16.85 23.38 -28.41
CA GLN A 375 15.42 22.99 -28.24
C GLN A 375 15.26 21.99 -27.08
N VAL A 376 16.10 20.95 -27.00
CA VAL A 376 16.01 19.90 -25.95
C VAL A 376 16.28 20.50 -24.58
N SER A 377 17.27 21.41 -24.46
CA SER A 377 17.58 22.15 -23.22
C SER A 377 16.33 22.89 -22.74
N GLN A 378 15.61 23.59 -23.65
CA GLN A 378 14.36 24.35 -23.35
C GLN A 378 13.24 23.34 -23.07
N GLY A 379 13.24 22.23 -23.80
CA GLY A 379 12.34 21.09 -23.56
C GLY A 379 12.39 20.61 -22.12
N LEU A 380 13.57 20.21 -21.63
CA LEU A 380 13.74 19.63 -20.26
C LEU A 380 13.29 20.66 -19.23
N ASP A 381 13.56 21.94 -19.46
CA ASP A 381 13.08 23.04 -18.58
C ASP A 381 11.56 22.89 -18.49
N LEU A 382 10.87 22.98 -19.63
CA LEU A 382 9.38 22.91 -19.73
C LEU A 382 8.88 21.62 -19.06
N LEU A 383 9.39 20.48 -19.49
CA LEU A 383 8.98 19.16 -18.97
C LEU A 383 9.18 19.06 -17.44
N THR A 384 10.30 19.55 -16.90
CA THR A 384 10.59 19.53 -15.43
C THR A 384 9.56 20.42 -14.70
N ALA A 385 9.22 21.56 -15.31
CA ALA A 385 8.31 22.59 -14.76
C ALA A 385 6.85 22.14 -14.88
N LYS A 386 6.52 21.39 -15.94
CA LYS A 386 5.17 20.87 -16.20
C LYS A 386 4.89 19.65 -15.30
N VAL A 387 5.94 18.97 -14.80
CA VAL A 387 5.83 17.85 -13.82
C VAL A 387 5.76 18.47 -12.42
N GLU A 388 6.54 19.53 -12.16
CA GLU A 388 6.53 20.34 -10.91
C GLU A 388 5.11 20.88 -10.67
N ASN A 389 4.46 21.37 -11.73
CA ASN A 389 3.01 21.68 -11.69
C ASN A 389 2.28 20.42 -11.19
N ALA A 390 1.85 19.55 -12.11
CA ALA A 390 0.99 18.38 -11.84
C ALA A 390 1.30 17.78 -10.46
N ALA A 391 2.56 17.90 -10.00
CA ALA A 391 3.00 17.40 -8.68
C ALA A 391 2.31 18.19 -7.57
N ARG A 392 2.53 19.51 -7.49
CA ARG A 392 2.03 20.35 -6.35
C ARG A 392 0.52 20.57 -6.49
N LYS A 393 -0.04 20.51 -7.70
CA LYS A 393 -1.52 20.53 -7.93
C LYS A 393 -2.15 19.29 -7.25
N LEU A 394 -1.52 18.12 -7.33
CA LEU A 394 -2.05 16.86 -6.73
C LEU A 394 -2.00 16.94 -5.20
N GLU A 395 -0.98 17.60 -4.64
CA GLU A 395 -0.79 17.75 -3.18
C GLU A 395 -1.82 18.78 -2.72
N ALA A 396 -1.81 19.95 -3.39
CA ALA A 396 -2.68 21.12 -3.13
C ALA A 396 -4.14 20.69 -3.17
N MET A 397 -4.56 19.98 -4.22
CA MET A 397 -5.94 19.43 -4.38
C MET A 397 -6.32 18.52 -3.21
N THR A 398 -5.38 17.84 -2.56
CA THR A 398 -5.71 16.88 -1.47
C THR A 398 -5.62 17.63 -0.14
N ASN A 399 -4.60 18.47 0.04
CA ASN A 399 -4.46 19.40 1.20
C ASN A 399 -5.77 20.20 1.37
N SER A 400 -6.40 20.62 0.27
CA SER A 400 -7.69 21.36 0.27
C SER A 400 -8.77 20.39 0.73
N LYS A 401 -8.75 19.14 0.25
CA LYS A 401 -9.75 18.13 0.66
C LYS A 401 -9.61 17.89 2.17
N GLN A 402 -8.39 17.63 2.63
CA GLN A 402 -8.08 17.33 4.07
C GLN A 402 -8.42 18.56 4.91
N ALA A 403 -8.40 19.78 4.33
CA ALA A 403 -8.74 21.05 5.01
C ALA A 403 -10.25 21.25 5.13
N ILE A 404 -11.04 20.91 4.09
CA ILE A 404 -12.54 20.98 4.06
C ILE A 404 -13.11 20.04 5.12
N ALA A 405 -12.44 18.90 5.38
CA ALA A 405 -12.97 17.84 6.26
C ALA A 405 -12.95 18.34 7.72
N LYS A 406 -11.79 18.76 8.21
CA LYS A 406 -11.59 19.10 9.65
C LYS A 406 -12.37 20.37 10.02
N LYS A 407 -13.08 20.99 9.07
CA LYS A 407 -13.94 22.20 9.30
C LYS A 407 -15.44 21.84 9.29
N ILE A 408 -15.91 21.00 8.36
CA ILE A 408 -17.36 20.71 8.16
C ILE A 408 -17.98 20.23 9.49
N ASP A 409 -17.12 19.78 10.43
CA ASP A 409 -17.43 19.55 11.87
C ASP A 409 -18.28 20.70 12.42
N ALA A 410 -17.67 21.86 12.70
CA ALA A 410 -18.28 23.04 13.36
C ALA A 410 -19.06 23.91 12.36
N ALA A 411 -19.01 23.60 11.05
CA ALA A 411 -19.73 24.33 9.99
C ALA A 411 -21.20 23.94 9.99
N GLN A 412 -21.50 22.75 10.52
CA GLN A 412 -22.86 22.17 10.67
C GLN A 412 -23.42 22.52 12.06
N ASN A 413 -22.53 22.88 13.01
CA ASN A 413 -22.85 23.40 14.37
C ASN A 413 -23.34 24.84 14.27
N TRP A 414 -22.78 25.63 13.32
CA TRP A 414 -23.16 27.03 13.01
C TRP A 414 -24.48 27.07 12.23
N LEU A 415 -24.62 26.19 11.24
CA LEU A 415 -25.68 26.25 10.20
C LEU A 415 -27.05 25.84 10.76
N ALA A 416 -27.10 25.13 11.90
CA ALA A 416 -28.35 24.61 12.53
C ALA A 416 -28.62 25.34 13.85
N ASP A 417 -27.70 25.19 14.82
CA ASP A 417 -27.79 25.77 16.19
C ASP A 417 -27.67 27.29 16.03
N PRO A 418 -28.80 28.03 15.87
CA PRO A 418 -28.79 29.26 15.07
C PRO A 418 -28.28 30.52 15.80
N ASN A 419 -27.01 30.51 16.20
CA ASN A 419 -26.24 31.70 16.69
C ASN A 419 -24.83 31.65 16.10
N GLY A 420 -23.94 30.84 16.68
CA GLY A 420 -22.55 30.68 16.22
C GLY A 420 -21.71 31.94 16.48
N GLY A 421 -22.09 33.07 15.85
CA GLY A 421 -21.50 34.40 16.02
C GLY A 421 -20.59 34.77 14.85
N SER A 422 -19.38 35.28 15.16
CA SER A 422 -18.22 35.38 14.22
C SER A 422 -17.47 34.05 14.20
N GLU A 423 -17.36 33.41 15.37
CA GLU A 423 -16.51 32.20 15.66
C GLU A 423 -16.91 31.04 14.75
N GLY A 424 -18.21 30.91 14.43
CA GLY A 424 -18.77 29.77 13.69
C GLY A 424 -18.91 30.06 12.21
N GLU A 425 -19.18 31.33 11.86
CA GLU A 425 -19.43 31.81 10.48
C GLU A 425 -18.24 31.43 9.58
N GLU A 426 -17.02 31.55 10.11
CA GLU A 426 -15.75 31.40 9.36
C GLU A 426 -15.54 29.96 8.86
N HIS A 427 -16.25 28.98 9.45
CA HIS A 427 -16.12 27.54 9.12
C HIS A 427 -16.76 27.25 7.75
N ILE A 428 -17.63 28.11 7.23
CA ILE A 428 -18.38 27.87 5.95
C ILE A 428 -17.87 28.84 4.87
N ARG A 429 -17.26 29.95 5.28
CA ARG A 429 -16.36 30.79 4.45
C ARG A 429 -15.14 29.95 4.09
N GLY A 430 -14.55 29.30 5.11
CA GLY A 430 -13.38 28.41 5.00
C GLY A 430 -13.56 27.27 4.00
N ILE A 431 -14.73 26.59 4.00
CA ILE A 431 -14.99 25.41 3.12
C ILE A 431 -15.27 25.91 1.71
N MET A 432 -16.10 26.94 1.60
CA MET A 432 -16.36 27.62 0.29
C MET A 432 -15.01 28.05 -0.29
N SER A 433 -14.10 28.55 0.56
CA SER A 433 -12.78 29.09 0.12
C SER A 433 -12.00 28.03 -0.67
N GLU A 434 -12.03 26.78 -0.20
CA GLU A 434 -11.26 25.62 -0.71
C GLU A 434 -11.90 25.11 -2.01
N ALA A 435 -13.23 25.04 -2.06
CA ALA A 435 -13.98 24.63 -3.28
C ALA A 435 -13.54 25.45 -4.51
N ARG A 436 -13.01 26.68 -4.32
CA ARG A 436 -12.58 27.59 -5.40
C ARG A 436 -11.14 27.24 -5.83
N LYS A 437 -10.31 26.86 -4.85
CA LYS A 437 -8.96 26.33 -5.08
C LYS A 437 -9.06 25.04 -5.92
N VAL A 438 -9.90 24.08 -5.54
CA VAL A 438 -10.17 22.89 -6.40
C VAL A 438 -10.38 23.37 -7.85
N ALA A 439 -11.35 24.26 -8.07
CA ALA A 439 -11.87 24.62 -9.40
C ALA A 439 -10.78 25.26 -10.28
N GLU A 440 -9.81 25.97 -9.69
CA GLU A 440 -8.78 26.73 -10.42
C GLU A 440 -7.57 25.82 -10.65
N LEU A 441 -7.38 24.82 -9.79
CA LEU A 441 -6.40 23.69 -9.94
C LEU A 441 -7.10 22.46 -10.52
N CYS A 442 -8.32 22.60 -11.04
CA CYS A 442 -8.90 21.59 -11.97
C CYS A 442 -8.43 21.99 -13.38
N GLU A 443 -8.44 21.06 -14.35
CA GLU A 443 -8.03 21.34 -15.76
C GLU A 443 -9.03 20.68 -16.73
N GLU A 444 -10.32 21.03 -16.58
CA GLU A 444 -11.38 20.83 -17.61
C GLU A 444 -12.17 22.13 -17.74
N PRO A 445 -12.76 22.46 -18.91
CA PRO A 445 -13.72 23.56 -18.98
C PRO A 445 -14.91 23.29 -18.05
N LYS A 446 -15.59 22.16 -18.22
CA LYS A 446 -16.93 21.91 -17.64
C LYS A 446 -16.80 21.42 -16.19
N GLU A 447 -15.61 21.01 -15.74
CA GLU A 447 -15.46 20.41 -14.38
C GLU A 447 -15.34 21.54 -13.35
N ARG A 448 -14.56 22.58 -13.65
CA ARG A 448 -14.42 23.76 -12.77
C ARG A 448 -15.75 24.52 -12.83
N ASP A 449 -16.25 24.83 -14.03
CA ASP A 449 -17.42 25.71 -14.28
C ASP A 449 -18.68 25.23 -13.53
N ASP A 450 -18.80 23.92 -13.29
CA ASP A 450 -19.92 23.29 -12.52
C ASP A 450 -19.75 23.58 -11.03
N ILE A 451 -18.49 23.69 -10.56
CA ILE A 451 -18.16 23.93 -9.12
C ILE A 451 -18.40 25.41 -8.83
N LEU A 452 -17.96 26.29 -9.74
CA LEU A 452 -18.10 27.76 -9.57
C LEU A 452 -19.58 28.10 -9.50
N ARG A 453 -20.43 27.33 -10.22
CA ARG A 453 -21.91 27.41 -10.10
C ARG A 453 -22.30 27.06 -8.67
N SER A 454 -21.99 25.86 -8.19
CA SER A 454 -22.39 25.44 -6.82
C SER A 454 -21.87 26.48 -5.80
N LEU A 455 -20.67 27.00 -6.05
CA LEU A 455 -19.99 27.91 -5.11
C LEU A 455 -20.71 29.25 -5.18
N GLY A 456 -21.22 29.60 -6.37
CA GLY A 456 -21.90 30.88 -6.66
C GLY A 456 -23.26 30.96 -5.99
N GLU A 457 -23.88 29.80 -5.75
CA GLU A 457 -25.24 29.69 -5.17
C GLU A 457 -25.15 29.53 -3.65
N ILE A 458 -24.27 28.70 -3.12
CA ILE A 458 -24.08 28.66 -1.63
C ILE A 458 -23.59 30.05 -1.17
N SER A 459 -23.09 30.89 -2.08
CA SER A 459 -22.59 32.26 -1.74
C SER A 459 -23.77 33.18 -1.40
N ALA A 460 -24.73 33.28 -2.34
CA ALA A 460 -26.00 34.00 -2.20
C ALA A 460 -26.76 33.52 -0.95
N LEU A 461 -27.21 32.25 -0.84
CA LEU A 461 -27.93 31.78 0.38
C LEU A 461 -27.15 32.19 1.65
N THR A 462 -25.83 31.99 1.71
CA THR A 462 -25.06 32.20 2.97
C THR A 462 -24.98 33.69 3.30
N ALA A 463 -25.09 34.55 2.30
CA ALA A 463 -25.22 36.02 2.48
C ALA A 463 -26.60 36.33 3.07
N LYS A 464 -27.66 35.72 2.53
CA LYS A 464 -29.05 35.94 3.01
C LYS A 464 -29.16 35.46 4.46
N LEU A 465 -28.94 34.18 4.71
CA LEU A 465 -28.90 33.64 6.09
C LEU A 465 -28.12 34.61 6.96
N SER A 466 -26.90 34.98 6.57
CA SER A 466 -25.98 35.78 7.42
C SER A 466 -26.69 37.07 7.87
N ASP A 467 -27.35 37.76 6.93
CA ASP A 467 -27.99 39.08 7.21
C ASP A 467 -29.28 38.88 8.04
N LEU A 468 -30.06 37.81 7.86
CA LEU A 468 -31.28 37.54 8.69
C LEU A 468 -30.86 37.41 10.16
N ARG A 469 -29.90 36.54 10.45
CA ARG A 469 -29.28 36.43 11.79
C ARG A 469 -29.02 37.86 12.28
N ARG A 470 -28.33 38.68 11.47
CA ARG A 470 -27.84 40.05 11.82
C ARG A 470 -29.02 41.02 12.08
N HIS A 471 -30.06 41.00 11.25
CA HIS A 471 -31.33 41.78 11.43
C HIS A 471 -32.32 40.93 12.25
N GLY A 472 -31.86 40.39 13.38
CA GLY A 472 -32.72 39.65 14.34
C GLY A 472 -33.19 38.29 13.84
N LYS A 473 -33.80 38.21 12.66
CA LYS A 473 -34.60 37.05 12.17
C LYS A 473 -33.86 35.69 12.29
N GLY A 474 -32.78 35.59 13.08
CA GLY A 474 -32.03 34.35 13.37
C GLY A 474 -32.87 33.18 13.86
N ASP A 475 -33.97 33.45 14.57
CA ASP A 475 -34.95 32.42 15.05
C ASP A 475 -36.29 32.67 14.35
N SER A 476 -36.61 31.91 13.28
CA SER A 476 -37.72 32.24 12.35
C SER A 476 -37.97 31.12 11.34
N PRO A 477 -39.17 31.05 10.73
CA PRO A 477 -39.45 30.13 9.62
C PRO A 477 -38.83 30.54 8.28
N GLU A 478 -37.86 31.47 8.30
CA GLU A 478 -36.97 31.76 7.14
C GLU A 478 -35.49 31.50 7.49
N ALA A 479 -35.09 31.68 8.76
CA ALA A 479 -33.70 31.50 9.24
C ALA A 479 -33.33 30.02 9.39
N ARG A 480 -34.33 29.12 9.39
CA ARG A 480 -34.15 27.65 9.44
C ARG A 480 -34.50 27.05 8.07
N ALA A 481 -35.61 27.47 7.46
CA ALA A 481 -36.16 26.95 6.18
C ALA A 481 -35.16 27.10 5.03
N LEU A 482 -34.36 28.18 5.06
CA LEU A 482 -33.23 28.48 4.14
C LEU A 482 -31.99 27.69 4.61
N ALA A 483 -31.51 27.95 5.85
CA ALA A 483 -30.33 27.32 6.51
C ALA A 483 -30.41 25.78 6.45
N LYS A 484 -31.63 25.24 6.34
CA LYS A 484 -31.89 23.88 5.80
C LYS A 484 -31.27 23.83 4.41
N GLN A 485 -31.88 24.53 3.44
CA GLN A 485 -31.51 24.54 1.99
C GLN A 485 -29.99 24.49 1.79
N ILE A 486 -29.21 25.07 2.73
CA ILE A 486 -27.75 25.28 2.56
C ILE A 486 -27.01 23.96 2.83
N ALA A 487 -27.25 23.31 3.98
CA ALA A 487 -26.59 22.03 4.35
C ALA A 487 -26.76 20.99 3.24
N THR A 488 -27.87 21.04 2.50
CA THR A 488 -28.12 20.28 1.25
C THR A 488 -27.04 20.60 0.21
N SER A 489 -26.89 21.86 -0.19
CA SER A 489 -25.90 22.27 -1.23
C SER A 489 -24.47 22.11 -0.70
N LEU A 490 -24.26 22.24 0.62
CA LEU A 490 -22.94 22.11 1.28
C LEU A 490 -22.52 20.64 1.33
N GLN A 491 -23.47 19.70 1.19
CA GLN A 491 -23.16 18.27 0.94
C GLN A 491 -22.82 18.15 -0.55
N ASN A 492 -23.64 18.75 -1.41
CA ASN A 492 -23.45 18.81 -2.90
C ASN A 492 -22.06 19.37 -3.23
N LEU A 493 -21.46 20.13 -2.32
CA LEU A 493 -20.14 20.79 -2.54
C LEU A 493 -19.05 19.72 -2.47
N GLN A 494 -19.06 18.92 -1.41
CA GLN A 494 -18.19 17.73 -1.25
C GLN A 494 -18.35 16.78 -2.45
N SER A 495 -19.54 16.60 -3.03
CA SER A 495 -19.71 15.84 -4.30
C SER A 495 -18.80 16.49 -5.36
N LYS A 496 -19.21 17.62 -5.93
CA LYS A 496 -18.49 18.25 -7.07
C LYS A 496 -17.01 18.43 -6.73
N THR A 497 -16.65 18.64 -5.46
CA THR A 497 -15.24 18.80 -5.01
C THR A 497 -14.54 17.44 -5.14
N ASN A 498 -15.06 16.43 -4.43
CA ASN A 498 -14.43 15.10 -4.30
C ASN A 498 -14.38 14.47 -5.70
N ARG A 499 -15.45 14.56 -6.49
CA ARG A 499 -15.44 14.18 -7.93
C ARG A 499 -14.30 14.86 -8.69
N ALA A 500 -13.86 16.05 -8.29
CA ALA A 500 -12.80 16.79 -9.01
C ALA A 500 -11.42 16.23 -8.64
N VAL A 501 -11.29 15.67 -7.42
CA VAL A 501 -10.08 14.95 -6.92
C VAL A 501 -9.99 13.58 -7.60
N ALA A 502 -11.12 12.88 -7.69
CA ALA A 502 -11.19 11.50 -8.22
C ALA A 502 -10.95 11.48 -9.74
N ASN A 503 -11.10 12.62 -10.42
CA ASN A 503 -10.91 12.75 -11.90
C ASN A 503 -9.44 13.11 -12.22
N THR A 504 -8.55 13.08 -11.22
CA THR A 504 -7.09 13.35 -11.40
C THR A 504 -6.27 12.22 -10.77
N ARG A 505 -6.76 10.99 -10.88
CA ARG A 505 -6.09 9.73 -10.43
C ARG A 505 -6.46 8.61 -11.39
N PRO A 506 -5.48 8.03 -12.14
CA PRO A 506 -5.77 7.15 -13.26
C PRO A 506 -5.91 5.69 -12.82
N VAL A 507 -6.45 4.85 -13.70
CA VAL A 507 -6.62 3.39 -13.46
C VAL A 507 -5.29 2.88 -12.88
N LYS A 508 -5.31 2.62 -11.57
CA LYS A 508 -4.13 2.28 -10.72
C LYS A 508 -3.84 0.78 -10.83
N ALA A 509 -2.64 0.37 -10.40
CA ALA A 509 -2.12 -1.01 -10.44
C ALA A 509 -1.51 -1.40 -9.08
N ALA A 510 -0.81 -2.54 -9.03
CA ALA A 510 -0.06 -3.03 -7.86
C ALA A 510 1.19 -2.15 -7.66
N VAL A 511 1.57 -1.90 -6.41
CA VAL A 511 2.81 -1.13 -6.07
C VAL A 511 4.01 -2.10 -6.15
N HIS A 512 3.77 -3.40 -5.87
CA HIS A 512 4.81 -4.49 -5.89
C HIS A 512 4.80 -5.19 -7.25
N LEU A 513 5.88 -5.91 -7.59
CA LEU A 513 6.01 -6.53 -8.93
C LEU A 513 5.08 -7.73 -9.03
N GLU A 514 5.17 -8.67 -8.08
CA GLU A 514 4.45 -9.97 -8.12
C GLU A 514 2.94 -9.73 -8.16
N GLY A 515 2.50 -8.58 -7.64
CA GLY A 515 1.09 -8.14 -7.76
C GLY A 515 0.79 -7.78 -9.19
N LYS A 516 1.66 -6.98 -9.82
CA LYS A 516 1.51 -6.45 -11.21
C LYS A 516 1.46 -7.61 -12.20
N ILE A 517 2.17 -8.72 -11.91
CA ILE A 517 2.10 -9.91 -12.79
C ILE A 517 0.67 -10.44 -12.75
N GLU A 518 0.09 -10.70 -11.57
CA GLU A 518 -1.29 -11.26 -11.44
C GLU A 518 -2.23 -10.39 -12.27
N GLN A 519 -2.34 -9.11 -11.94
CA GLN A 519 -3.21 -8.13 -12.66
C GLN A 519 -3.08 -8.27 -14.19
N ALA A 520 -1.96 -8.82 -14.70
CA ALA A 520 -1.66 -9.03 -16.14
C ALA A 520 -1.80 -10.53 -16.48
N GLN A 521 -0.94 -11.36 -15.89
CA GLN A 521 -1.01 -12.85 -15.91
C GLN A 521 -2.49 -13.26 -15.83
N ARG A 522 -3.35 -12.40 -15.27
CA ARG A 522 -4.83 -12.50 -15.35
C ARG A 522 -5.30 -11.78 -16.62
N TRP A 523 -4.67 -12.09 -17.76
CA TRP A 523 -5.25 -11.99 -19.12
C TRP A 523 -5.18 -13.36 -19.79
N ILE A 524 -5.18 -14.44 -19.00
CA ILE A 524 -5.66 -15.79 -19.44
C ILE A 524 -7.18 -15.65 -19.66
N ASP A 525 -7.83 -14.83 -18.82
CA ASP A 525 -9.20 -14.27 -19.04
C ASP A 525 -9.05 -13.01 -19.91
N ASN A 526 -9.16 -13.16 -21.23
CA ASN A 526 -8.85 -12.08 -22.21
C ASN A 526 -9.95 -11.03 -22.27
N PRO A 527 -11.26 -11.41 -22.25
CA PRO A 527 -12.36 -10.44 -22.21
C PRO A 527 -12.97 -10.26 -20.80
N THR A 528 -12.98 -9.02 -20.28
CA THR A 528 -13.58 -8.65 -18.97
C THR A 528 -13.64 -7.12 -18.83
N VAL A 529 -14.40 -6.62 -17.83
CA VAL A 529 -14.66 -5.18 -17.57
C VAL A 529 -13.49 -4.59 -16.77
N ASP A 530 -13.02 -3.39 -17.16
CA ASP A 530 -11.93 -2.59 -16.55
C ASP A 530 -10.65 -3.44 -16.36
N ASP A 531 -10.45 -4.45 -17.21
CA ASP A 531 -9.17 -5.20 -17.35
C ASP A 531 -8.50 -4.83 -18.68
N ARG A 532 -9.23 -4.18 -19.60
CA ARG A 532 -8.67 -3.31 -20.68
C ARG A 532 -7.84 -2.19 -20.02
N GLY A 533 -8.40 -1.63 -18.93
CA GLY A 533 -7.78 -0.61 -18.06
C GLY A 533 -6.60 -1.17 -17.27
N VAL A 534 -6.85 -1.88 -16.17
CA VAL A 534 -5.80 -2.26 -15.16
C VAL A 534 -4.88 -3.36 -15.72
N GLY A 535 -5.39 -4.27 -16.56
CA GLY A 535 -4.61 -5.39 -17.15
C GLY A 535 -3.46 -4.88 -18.03
N GLN A 536 -3.70 -3.88 -18.87
CA GLN A 536 -2.63 -3.19 -19.62
C GLN A 536 -1.83 -2.32 -18.64
N ALA A 537 -2.50 -1.52 -17.80
CA ALA A 537 -1.90 -0.50 -16.91
C ALA A 537 -0.88 -1.11 -15.95
N ALA A 538 -0.91 -2.42 -15.69
CA ALA A 538 0.20 -3.15 -15.03
C ALA A 538 1.31 -3.41 -16.07
N ILE A 539 1.04 -4.28 -17.06
CA ILE A 539 1.96 -4.54 -18.21
C ILE A 539 2.60 -3.22 -18.68
N ARG A 540 1.87 -2.10 -18.62
CA ARG A 540 2.39 -0.76 -19.06
C ARG A 540 3.50 -0.34 -18.10
N GLY A 541 3.27 -0.44 -16.80
CA GLY A 541 4.19 0.04 -15.75
C GLY A 541 5.19 -1.03 -15.33
N LEU A 542 5.12 -2.20 -15.98
CA LEU A 542 6.11 -3.27 -15.78
C LEU A 542 7.23 -3.09 -16.81
N VAL A 543 6.87 -2.91 -18.09
CA VAL A 543 7.84 -2.63 -19.20
C VAL A 543 8.42 -1.21 -19.02
N ALA A 544 7.63 -0.25 -18.56
CA ALA A 544 8.14 1.12 -18.29
C ALA A 544 9.13 1.09 -17.13
N GLU A 545 9.21 -0.02 -16.36
CA GLU A 545 10.26 -0.20 -15.32
C GLU A 545 11.46 -0.92 -15.94
N GLY A 546 11.22 -1.93 -16.78
CA GLY A 546 12.24 -2.53 -17.65
C GLY A 546 12.98 -1.44 -18.41
N ARG A 547 12.26 -0.53 -19.07
CA ARG A 547 12.86 0.60 -19.84
C ARG A 547 13.65 1.53 -18.89
N ARG A 548 13.08 1.89 -17.75
CA ARG A 548 13.71 2.77 -16.71
C ARG A 548 15.01 2.12 -16.21
N LEU A 549 15.03 0.78 -16.10
CA LEU A 549 16.12 -0.03 -15.49
C LEU A 549 17.30 -0.18 -16.48
N ALA A 550 16.99 -0.34 -17.77
CA ALA A 550 17.94 -0.49 -18.89
C ALA A 550 18.64 0.83 -19.21
N ASN A 551 18.08 1.98 -18.83
CA ASN A 551 18.63 3.31 -19.24
C ASN A 551 19.76 3.73 -18.29
N VAL A 552 20.03 2.96 -17.23
CA VAL A 552 21.28 3.06 -16.42
C VAL A 552 21.97 1.69 -16.39
N MET A 553 22.37 1.21 -17.58
CA MET A 553 23.10 -0.07 -17.81
C MET A 553 24.12 0.10 -18.94
N MET A 554 24.99 -0.90 -19.10
CA MET A 554 25.90 -1.07 -20.26
C MET A 554 25.04 -1.24 -21.53
N GLY A 555 25.57 -0.83 -22.69
CA GLY A 555 24.92 -0.96 -24.02
C GLY A 555 24.55 -2.40 -24.38
N PRO A 556 25.41 -3.43 -24.12
CA PRO A 556 25.07 -4.83 -24.40
C PRO A 556 23.79 -5.34 -23.69
N TYR A 557 23.73 -5.28 -22.35
CA TYR A 557 22.53 -5.66 -21.55
C TYR A 557 21.34 -4.79 -21.97
N ARG A 558 21.51 -3.46 -21.87
CA ARG A 558 20.53 -2.41 -22.21
C ARG A 558 19.66 -2.90 -23.37
N GLN A 559 20.16 -2.85 -24.60
CA GLN A 559 19.36 -3.28 -25.79
C GLN A 559 18.86 -4.72 -25.60
N ASP A 560 19.62 -5.60 -24.93
CA ASP A 560 19.18 -6.99 -24.64
C ASP A 560 17.89 -6.94 -23.81
N LEU A 561 17.83 -6.00 -22.86
CA LEU A 561 16.66 -5.73 -21.98
C LEU A 561 15.51 -5.10 -22.80
N LEU A 562 15.80 -4.08 -23.61
CA LEU A 562 14.77 -3.38 -24.41
C LEU A 562 14.27 -4.32 -25.52
N ALA A 563 15.03 -5.33 -25.90
CA ALA A 563 14.62 -6.33 -26.91
C ALA A 563 13.42 -7.12 -26.36
N LYS A 564 13.53 -7.56 -25.10
CA LYS A 564 12.44 -8.26 -24.36
C LYS A 564 11.27 -7.29 -24.14
N CYS A 565 11.52 -6.08 -23.60
CA CYS A 565 10.50 -5.03 -23.34
C CYS A 565 9.63 -4.80 -24.57
N ASP A 566 10.23 -4.80 -25.75
CA ASP A 566 9.57 -4.33 -26.99
C ASP A 566 8.91 -5.54 -27.67
N ARG A 567 9.37 -6.78 -27.42
CA ARG A 567 8.75 -8.01 -27.99
C ARG A 567 7.59 -8.50 -27.11
N VAL A 568 7.73 -8.36 -25.79
CA VAL A 568 6.61 -8.57 -24.80
C VAL A 568 5.51 -7.56 -25.15
N ASP A 569 5.79 -6.25 -25.01
CA ASP A 569 4.84 -5.17 -25.36
C ASP A 569 4.12 -5.52 -26.67
N GLN A 570 4.86 -6.10 -27.64
CA GLN A 570 4.37 -6.44 -29.01
C GLN A 570 3.36 -7.61 -28.94
N LEU A 571 3.63 -8.63 -28.12
CA LEU A 571 2.75 -9.82 -27.98
C LEU A 571 1.56 -9.48 -27.09
N ALA A 572 1.56 -8.30 -26.43
CA ALA A 572 0.48 -7.83 -25.53
C ALA A 572 -0.41 -6.82 -26.27
N ALA A 573 0.18 -5.88 -27.01
CA ALA A 573 -0.56 -4.95 -27.91
C ALA A 573 -1.22 -5.76 -29.03
N GLN A 574 -0.74 -6.98 -29.29
CA GLN A 574 -1.33 -7.97 -30.23
C GLN A 574 -2.72 -8.39 -29.70
N LEU A 575 -2.78 -9.01 -28.51
CA LEU A 575 -4.06 -9.49 -27.90
C LEU A 575 -4.91 -8.30 -27.42
N ALA A 576 -4.33 -7.10 -27.30
CA ALA A 576 -5.07 -5.83 -27.07
C ALA A 576 -5.99 -5.54 -28.26
N ASP A 577 -5.45 -5.70 -29.48
CA ASP A 577 -6.18 -5.56 -30.77
C ASP A 577 -7.02 -6.81 -31.04
N LEU A 578 -6.49 -8.01 -30.76
CA LEU A 578 -7.07 -9.34 -31.12
C LEU A 578 -8.36 -9.61 -30.32
N ALA A 579 -8.36 -9.33 -29.01
CA ALA A 579 -9.50 -9.57 -28.09
C ALA A 579 -10.68 -8.67 -28.46
N ALA A 580 -10.42 -7.39 -28.78
CA ALA A 580 -11.43 -6.35 -29.10
C ALA A 580 -12.17 -6.68 -30.40
N ARG A 581 -11.61 -7.55 -31.25
CA ARG A 581 -12.16 -7.91 -32.59
C ARG A 581 -13.60 -8.39 -32.41
N GLY A 582 -13.79 -9.48 -31.66
CA GLY A 582 -15.10 -10.02 -31.26
C GLY A 582 -15.00 -10.70 -29.91
N GLU A 583 -14.09 -11.67 -29.81
CA GLU A 583 -13.43 -12.16 -28.57
C GLU A 583 -12.08 -12.76 -29.00
N GLY A 584 -11.05 -12.64 -28.16
CA GLY A 584 -9.75 -13.28 -28.43
C GLY A 584 -9.86 -14.77 -28.29
N GLU A 585 -10.74 -15.40 -29.09
CA GLU A 585 -11.28 -16.76 -28.82
C GLU A 585 -10.14 -17.78 -28.87
N SER A 586 -10.37 -18.94 -28.26
CA SER A 586 -9.37 -19.95 -27.84
C SER A 586 -8.36 -20.27 -28.94
N PRO A 587 -8.76 -20.60 -30.19
CA PRO A 587 -7.81 -20.95 -31.25
C PRO A 587 -6.54 -20.08 -31.33
N GLN A 588 -6.66 -18.82 -31.77
CA GLN A 588 -5.48 -17.97 -32.11
C GLN A 588 -4.77 -17.50 -30.83
N ALA A 589 -5.51 -17.00 -29.84
CA ALA A 589 -4.99 -16.35 -28.62
C ALA A 589 -4.28 -17.36 -27.71
N ARG A 590 -4.43 -18.66 -27.96
CA ARG A 590 -3.62 -19.73 -27.30
C ARG A 590 -2.14 -19.55 -27.68
N ALA A 591 -1.87 -19.16 -28.93
CA ALA A 591 -0.50 -19.04 -29.51
C ALA A 591 0.30 -17.98 -28.75
N ILE A 592 -0.35 -16.94 -28.21
CA ILE A 592 0.28 -15.85 -27.41
C ILE A 592 0.43 -16.30 -25.95
N ALA A 593 -0.54 -17.06 -25.43
CA ALA A 593 -0.59 -17.52 -24.02
C ALA A 593 0.50 -18.58 -23.74
N ALA A 594 1.25 -18.99 -24.77
CA ALA A 594 2.44 -19.87 -24.65
C ALA A 594 3.72 -19.05 -24.84
N GLN A 595 3.66 -17.97 -25.65
CA GLN A 595 4.82 -17.10 -26.00
C GLN A 595 4.90 -15.95 -24.98
N LEU A 596 3.85 -15.13 -24.85
CA LEU A 596 3.85 -13.90 -24.00
C LEU A 596 3.88 -14.26 -22.51
N GLN A 597 3.01 -15.17 -22.06
CA GLN A 597 2.91 -15.54 -20.61
C GLN A 597 4.25 -16.13 -20.14
N ASP A 598 5.05 -16.70 -21.05
CA ASP A 598 6.41 -17.24 -20.75
C ASP A 598 7.48 -16.17 -21.04
N SER A 599 7.25 -15.28 -22.03
CA SER A 599 8.17 -14.16 -22.39
C SER A 599 8.22 -13.13 -21.26
N LEU A 600 7.04 -12.67 -20.81
CA LEU A 600 6.82 -11.70 -19.70
C LEU A 600 7.47 -12.22 -18.41
N LYS A 601 7.54 -13.55 -18.24
CA LYS A 601 8.11 -14.26 -17.06
C LYS A 601 9.65 -14.20 -17.10
N ASP A 602 10.24 -13.96 -18.26
CA ASP A 602 11.71 -13.86 -18.42
C ASP A 602 12.13 -12.39 -18.24
N LEU A 603 11.36 -11.45 -18.79
CA LEU A 603 11.55 -9.98 -18.63
C LEU A 603 11.70 -9.64 -17.14
N LYS A 604 10.87 -10.26 -16.29
CA LYS A 604 11.01 -10.23 -14.81
C LYS A 604 12.41 -10.69 -14.45
N ALA A 605 12.76 -11.92 -14.86
CA ALA A 605 14.02 -12.60 -14.52
C ALA A 605 15.21 -11.75 -14.98
N ARG A 606 15.05 -11.00 -16.08
CA ARG A 606 16.09 -10.08 -16.63
C ARG A 606 16.12 -8.77 -15.84
N MET A 607 14.96 -8.30 -15.34
CA MET A 607 14.84 -7.05 -14.51
C MET A 607 15.42 -7.31 -13.11
N GLN A 608 15.07 -8.43 -12.48
CA GLN A 608 15.58 -8.80 -11.13
C GLN A 608 17.09 -8.99 -11.22
N GLU A 609 17.51 -9.92 -12.08
CA GLU A 609 18.92 -10.20 -12.43
C GLU A 609 19.71 -8.88 -12.36
N ALA A 610 19.32 -7.90 -13.17
CA ALA A 610 19.99 -6.60 -13.29
C ALA A 610 19.90 -5.86 -11.95
N MET A 611 18.66 -5.66 -11.49
CA MET A 611 18.40 -4.93 -10.21
C MET A 611 19.33 -5.52 -9.16
N THR A 612 19.48 -6.84 -9.12
CA THR A 612 20.40 -7.52 -8.17
C THR A 612 21.81 -6.93 -8.32
N GLN A 613 22.25 -6.63 -9.54
CA GLN A 613 23.63 -6.10 -9.79
C GLN A 613 23.69 -4.67 -9.22
N GLU A 614 22.81 -3.79 -9.68
CA GLU A 614 22.80 -2.35 -9.30
C GLU A 614 22.72 -2.21 -7.77
N VAL A 615 22.12 -3.16 -7.05
CA VAL A 615 22.07 -3.17 -5.55
C VAL A 615 23.43 -3.64 -5.03
N SER A 616 23.98 -4.69 -5.65
CA SER A 616 25.30 -5.27 -5.30
C SER A 616 26.38 -4.21 -5.45
N ASP A 617 26.35 -3.41 -6.50
CA ASP A 617 27.28 -2.25 -6.68
C ASP A 617 26.99 -1.20 -5.60
N VAL A 618 25.83 -0.54 -5.70
CA VAL A 618 25.47 0.74 -5.04
C VAL A 618 25.49 0.59 -3.52
N PHE A 619 25.04 -0.56 -2.98
CA PHE A 619 24.87 -0.74 -1.51
C PHE A 619 26.16 -1.26 -0.85
N SER A 620 27.14 -1.72 -1.64
CA SER A 620 28.48 -2.13 -1.19
C SER A 620 29.08 -1.10 -0.23
N ASP A 621 28.99 0.18 -0.60
CA ASP A 621 29.44 1.33 0.23
C ASP A 621 28.25 2.27 0.45
N THR A 622 27.62 2.23 1.62
CA THR A 622 26.52 3.16 1.98
C THR A 622 27.08 4.37 2.73
N THR A 623 28.30 4.28 3.30
CA THR A 623 28.74 5.22 4.36
C THR A 623 29.99 6.03 3.97
N THR A 624 30.84 5.57 3.04
CA THR A 624 32.13 6.26 2.77
C THR A 624 31.84 7.75 2.60
N PRO A 625 31.02 8.18 1.61
CA PRO A 625 30.62 9.59 1.45
C PRO A 625 30.35 10.44 2.71
N ILE A 626 29.40 10.09 3.58
CA ILE A 626 29.10 10.89 4.81
C ILE A 626 30.22 10.70 5.83
N LYS A 627 31.01 9.63 5.71
CA LYS A 627 32.20 9.40 6.59
C LYS A 627 33.36 10.29 6.12
N LEU A 628 33.33 10.79 4.87
CA LEU A 628 34.27 11.80 4.29
C LEU A 628 33.76 13.22 4.57
N LEU A 629 32.50 13.41 4.96
CA LEU A 629 31.98 14.74 5.35
C LEU A 629 32.26 14.96 6.84
N ALA A 630 32.42 13.89 7.59
CA ALA A 630 32.87 13.96 9.00
C ALA A 630 34.27 14.58 9.03
N VAL A 631 35.24 13.92 8.38
CA VAL A 631 36.69 14.28 8.38
C VAL A 631 36.91 15.59 7.58
N ALA A 632 36.03 15.89 6.63
CA ALA A 632 36.02 17.16 5.87
C ALA A 632 35.54 18.29 6.80
N ALA A 633 34.35 18.15 7.39
CA ALA A 633 33.68 19.20 8.18
C ALA A 633 34.49 19.50 9.46
N THR A 634 35.06 18.47 10.11
CA THR A 634 35.92 18.61 11.30
C THR A 634 37.03 19.63 11.00
N ALA A 635 37.62 19.51 9.79
CA ALA A 635 38.61 20.46 9.18
C ALA A 635 39.91 20.46 9.97
N PRO A 636 40.74 19.40 9.86
CA PRO A 636 41.94 19.21 10.68
C PRO A 636 42.64 20.49 11.19
N SER A 637 42.66 21.54 10.38
CA SER A 637 43.18 22.87 10.79
C SER A 637 42.53 23.93 9.90
N ASP A 638 43.28 24.47 8.94
CA ASP A 638 42.85 25.63 8.13
C ASP A 638 43.66 25.68 6.82
N THR A 639 43.00 25.40 5.69
CA THR A 639 43.34 25.91 4.32
C THR A 639 42.05 26.42 3.68
N PRO A 640 41.88 27.76 3.49
CA PRO A 640 40.67 28.36 2.92
C PRO A 640 39.96 27.67 1.74
N ASN A 641 40.65 26.73 1.06
CA ASN A 641 40.05 25.76 0.10
C ASN A 641 39.05 24.84 0.82
N ARG A 642 39.17 24.71 2.16
CA ARG A 642 38.26 23.97 3.07
C ARG A 642 36.79 24.07 2.59
N GLU A 643 36.27 25.29 2.41
CA GLU A 643 34.87 25.55 1.95
C GLU A 643 34.60 24.77 0.67
N GLU A 644 35.45 24.93 -0.36
CA GLU A 644 35.32 24.33 -1.72
C GLU A 644 35.55 22.81 -1.67
N VAL A 645 36.30 22.31 -0.68
CA VAL A 645 36.58 20.85 -0.48
C VAL A 645 35.40 20.22 0.27
N PHE A 646 34.93 20.87 1.34
CA PHE A 646 33.68 20.53 2.05
C PHE A 646 32.53 20.43 1.04
N GLU A 647 32.45 21.33 0.06
CA GLU A 647 31.40 21.31 -1.00
C GLU A 647 31.54 20.05 -1.86
N GLU A 648 32.74 19.77 -2.36
CA GLU A 648 33.01 18.62 -3.26
C GLU A 648 32.75 17.30 -2.51
N ARG A 649 32.98 17.28 -1.19
CA ARG A 649 32.69 16.09 -0.31
C ARG A 649 31.20 16.11 0.06
N ALA A 650 30.60 17.30 0.23
CA ALA A 650 29.15 17.47 0.49
C ALA A 650 28.34 17.22 -0.79
N ALA A 651 28.88 17.51 -1.98
CA ALA A 651 28.20 17.24 -3.27
C ALA A 651 28.24 15.73 -3.56
N ASN A 652 29.41 15.10 -3.40
CA ASN A 652 29.62 13.62 -3.44
C ASN A 652 28.57 12.93 -2.56
N PHE A 653 28.26 13.51 -1.41
CA PHE A 653 27.34 12.93 -0.40
C PHE A 653 25.89 13.05 -0.87
N GLU A 654 25.55 14.11 -1.60
CA GLU A 654 24.19 14.32 -2.17
C GLU A 654 24.05 13.46 -3.44
N ASN A 655 25.10 13.40 -4.26
CA ASN A 655 25.15 12.58 -5.50
C ASN A 655 24.89 11.13 -5.15
N HIS A 656 25.55 10.67 -4.09
CA HIS A 656 25.57 9.27 -3.64
C HIS A 656 24.27 8.94 -2.92
N ALA A 657 23.86 9.75 -1.93
CA ALA A 657 22.59 9.49 -1.19
C ALA A 657 21.42 9.43 -2.18
N ALA A 658 21.37 10.33 -3.14
CA ALA A 658 20.30 10.33 -4.18
C ALA A 658 20.30 9.01 -4.94
N ARG A 659 21.49 8.47 -5.23
CA ARG A 659 21.70 7.18 -5.92
C ARG A 659 21.06 6.06 -5.10
N LEU A 660 21.36 6.01 -3.79
CA LEU A 660 20.92 4.94 -2.85
C LEU A 660 19.40 4.84 -2.86
N GLY A 661 18.70 5.98 -2.81
CA GLY A 661 17.23 6.03 -2.77
C GLY A 661 16.64 5.68 -4.11
N ALA A 662 17.33 6.09 -5.18
CA ALA A 662 16.88 5.83 -6.56
C ALA A 662 16.96 4.33 -6.83
N THR A 663 18.02 3.68 -6.33
CA THR A 663 18.20 2.21 -6.33
C THR A 663 17.23 1.54 -5.36
N ALA A 664 17.10 2.08 -4.15
CA ALA A 664 16.19 1.57 -3.09
C ALA A 664 14.81 1.44 -3.71
N GLU A 665 14.33 2.47 -4.40
CA GLU A 665 13.02 2.36 -5.09
C GLU A 665 13.12 1.21 -6.11
N LYS A 666 14.21 1.14 -6.89
CA LYS A 666 14.33 0.13 -7.97
C LYS A 666 14.24 -1.30 -7.44
N ALA A 667 14.58 -1.56 -6.18
CA ALA A 667 14.45 -2.90 -5.57
C ALA A 667 13.02 -3.13 -5.08
N ALA A 668 12.41 -2.09 -4.50
CA ALA A 668 10.99 -2.08 -4.05
C ALA A 668 10.09 -2.36 -5.25
N ALA A 669 10.29 -1.60 -6.32
CA ALA A 669 9.61 -1.69 -7.62
C ALA A 669 9.62 -3.12 -8.22
N VAL A 670 10.75 -3.85 -8.17
CA VAL A 670 10.96 -5.00 -9.10
C VAL A 670 11.24 -6.33 -8.38
N GLY A 671 11.28 -6.40 -7.04
CA GLY A 671 11.82 -7.59 -6.35
C GLY A 671 10.79 -8.49 -5.69
N THR A 672 11.33 -9.40 -4.87
CA THR A 672 10.64 -10.38 -3.98
C THR A 672 9.38 -9.82 -3.33
N ALA A 673 9.48 -8.62 -2.77
CA ALA A 673 8.76 -8.17 -1.55
C ALA A 673 7.25 -8.08 -1.74
N ASN A 674 6.55 -8.36 -0.65
CA ASN A 674 5.13 -7.97 -0.40
C ASN A 674 4.93 -6.44 -0.57
N LYS A 675 3.67 -6.01 -0.60
CA LYS A 675 3.23 -4.58 -0.58
C LYS A 675 3.78 -3.87 0.67
N THR A 676 4.03 -4.60 1.77
CA THR A 676 4.44 -4.07 3.11
C THR A 676 5.92 -3.73 3.15
N THR A 677 6.80 -4.56 2.56
CA THR A 677 8.26 -4.29 2.52
C THR A 677 8.54 -3.24 1.44
N VAL A 678 7.74 -3.22 0.37
CA VAL A 678 7.77 -2.15 -0.67
C VAL A 678 7.40 -0.83 -0.02
N GLU A 679 6.25 -0.74 0.64
CA GLU A 679 5.83 0.52 1.32
C GLU A 679 6.95 0.90 2.30
N GLY A 680 7.37 -0.03 3.14
CA GLY A 680 8.49 0.16 4.08
C GLY A 680 9.65 0.89 3.42
N ILE A 681 10.23 0.29 2.38
CA ILE A 681 11.42 0.83 1.64
C ILE A 681 11.12 2.26 1.22
N GLN A 682 9.89 2.54 0.72
CA GLN A 682 9.53 3.85 0.11
C GLN A 682 9.59 4.96 1.19
N ALA A 683 9.01 4.73 2.36
CA ALA A 683 9.06 5.69 3.49
C ALA A 683 10.53 5.99 3.80
N THR A 684 11.37 4.96 3.75
CA THR A 684 12.84 5.04 3.89
C THR A 684 13.34 6.05 2.84
N VAL A 685 13.04 5.79 1.56
CA VAL A 685 13.53 6.58 0.38
C VAL A 685 13.09 8.04 0.56
N LYS A 686 11.81 8.26 0.95
CA LYS A 686 11.22 9.60 1.21
C LYS A 686 11.99 10.32 2.31
N SER A 687 12.44 9.63 3.36
CA SER A 687 13.19 10.23 4.50
C SER A 687 14.64 10.51 4.09
N ALA A 688 15.28 9.65 3.30
CA ALA A 688 16.65 9.87 2.77
C ALA A 688 16.64 11.21 2.03
N ARG A 689 15.72 11.38 1.07
CA ARG A 689 15.57 12.62 0.27
C ARG A 689 15.43 13.80 1.22
N GLU A 690 14.40 13.82 2.05
CA GLU A 690 14.11 14.92 3.01
C GLU A 690 15.36 15.23 3.84
N LEU A 691 15.86 14.27 4.63
CA LEU A 691 16.94 14.45 5.64
C LEU A 691 18.25 14.93 4.99
N THR A 692 18.55 14.53 3.74
CA THR A 692 19.91 14.68 3.18
C THR A 692 20.33 16.14 3.26
N PRO A 693 19.58 17.10 2.64
CA PRO A 693 19.81 18.52 2.87
C PRO A 693 19.93 18.87 4.36
N GLN A 694 19.00 18.43 5.20
CA GLN A 694 18.97 18.84 6.63
C GLN A 694 20.32 18.52 7.30
N VAL A 695 21.00 17.43 6.95
CA VAL A 695 22.28 17.06 7.63
C VAL A 695 23.28 18.11 7.19
N VAL A 696 23.38 18.33 5.87
CA VAL A 696 24.46 19.15 5.26
C VAL A 696 24.36 20.59 5.79
N SER A 697 23.16 21.09 6.07
CA SER A 697 22.92 22.40 6.74
C SER A 697 23.56 22.39 8.13
N ALA A 698 23.33 21.34 8.94
CA ALA A 698 23.99 21.16 10.25
C ALA A 698 25.50 20.95 10.05
N ALA A 699 25.89 20.27 8.96
CA ALA A 699 27.29 19.99 8.57
C ALA A 699 27.99 21.29 8.15
N ARG A 700 27.23 22.25 7.63
CA ARG A 700 27.70 23.62 7.31
C ARG A 700 27.92 24.33 8.64
N ILE A 701 26.90 24.37 9.50
CA ILE A 701 26.94 25.03 10.84
C ILE A 701 28.22 24.62 11.56
N LEU A 702 28.79 23.44 11.25
CA LEU A 702 30.08 22.99 11.84
C LEU A 702 31.25 23.75 11.19
N LEU A 703 31.30 23.88 9.86
CA LEU A 703 32.44 24.56 9.16
C LEU A 703 32.56 25.98 9.69
N ARG A 704 31.43 26.70 9.81
CA ARG A 704 31.41 28.12 10.23
C ARG A 704 31.71 28.27 11.74
N ASN A 705 31.55 27.20 12.53
CA ASN A 705 31.85 27.18 13.99
C ASN A 705 32.87 26.10 14.35
N PRO A 706 34.16 26.23 13.97
CA PRO A 706 35.21 25.36 14.50
C PRO A 706 35.45 25.57 16.01
N GLY A 707 35.03 24.60 16.83
CA GLY A 707 35.22 24.61 18.30
C GLY A 707 33.91 24.36 19.05
N ASN A 708 32.77 24.66 18.41
CA ASN A 708 31.41 24.50 19.00
C ASN A 708 31.08 23.00 19.14
N GLN A 709 30.39 22.61 20.22
CA GLN A 709 29.85 21.24 20.42
C GLN A 709 28.37 21.22 19.99
N ALA A 710 27.62 22.30 20.27
CA ALA A 710 26.18 22.44 19.95
C ALA A 710 25.94 22.28 18.45
N ALA A 711 26.94 22.64 17.63
CA ALA A 711 26.99 22.36 16.18
C ALA A 711 27.19 20.86 15.97
N TYR A 712 28.19 20.28 16.65
CA TYR A 712 28.54 18.82 16.67
C TYR A 712 27.34 18.01 17.19
N GLU A 713 26.54 18.57 18.11
CA GLU A 713 25.30 17.94 18.63
C GLU A 713 24.31 17.74 17.47
N HIS A 714 23.97 18.80 16.74
CA HIS A 714 23.09 18.75 15.54
C HIS A 714 23.69 17.89 14.45
N PHE A 715 25.01 17.86 14.29
CA PHE A 715 25.65 17.03 13.23
C PHE A 715 25.27 15.57 13.52
N GLU A 716 25.63 15.08 14.71
CA GLU A 716 25.49 13.65 15.08
C GLU A 716 24.00 13.28 15.14
N THR A 717 23.14 14.14 15.66
CA THR A 717 21.67 13.89 15.72
C THR A 717 21.12 13.78 14.29
N MET A 718 21.52 14.68 13.39
CA MET A 718 21.14 14.59 11.96
C MET A 718 21.97 13.48 11.28
N LYS A 719 23.28 13.44 11.48
CA LYS A 719 24.18 12.47 10.80
C LYS A 719 23.72 11.04 11.03
N ASN A 720 23.32 10.71 12.26
CA ASN A 720 22.81 9.36 12.66
C ASN A 720 21.35 9.19 12.20
N GLN A 721 20.51 10.20 12.36
CA GLN A 721 19.10 10.09 11.94
C GLN A 721 19.02 9.86 10.41
N TRP A 722 20.07 10.19 9.67
CA TRP A 722 20.18 9.86 8.22
C TRP A 722 20.70 8.42 8.05
N ILE A 723 21.58 7.96 8.96
CA ILE A 723 22.12 6.57 8.95
C ILE A 723 21.01 5.59 9.37
N ASP A 724 20.32 5.88 10.49
CA ASP A 724 19.18 5.11 11.07
C ASP A 724 18.04 4.97 10.05
N ASN A 725 18.09 5.74 8.97
CA ASN A 725 17.18 5.58 7.80
C ASN A 725 17.84 4.64 6.79
N VAL A 726 19.17 4.73 6.65
CA VAL A 726 19.93 4.03 5.59
C VAL A 726 20.12 2.58 6.03
N GLU A 727 20.60 2.40 7.25
CA GLU A 727 20.80 1.04 7.81
C GLU A 727 19.46 0.29 7.68
N LYS A 728 18.34 0.99 7.90
CA LYS A 728 16.95 0.49 7.70
C LYS A 728 16.66 0.31 6.20
N MET A 729 17.00 1.29 5.36
CA MET A 729 16.87 1.23 3.88
C MET A 729 17.49 -0.09 3.42
N THR A 730 18.66 -0.44 3.96
CA THR A 730 19.48 -1.59 3.48
C THR A 730 18.87 -2.89 4.02
N GLY A 731 18.33 -2.87 5.24
CA GLY A 731 17.51 -3.97 5.80
C GLY A 731 16.36 -4.34 4.88
N LEU A 732 15.53 -3.37 4.48
CA LEU A 732 14.33 -3.63 3.66
C LEU A 732 14.71 -3.93 2.20
N VAL A 733 15.91 -3.58 1.74
CA VAL A 733 16.27 -3.75 0.30
C VAL A 733 16.78 -5.17 0.07
N ASP A 734 17.67 -5.70 0.93
CA ASP A 734 18.22 -7.08 0.80
C ASP A 734 17.07 -8.08 0.95
N GLU A 735 16.19 -7.81 1.91
CA GLU A 735 14.97 -8.61 2.20
C GLU A 735 14.13 -8.75 0.93
N ALA A 736 14.26 -7.82 -0.01
CA ALA A 736 13.48 -7.77 -1.28
C ALA A 736 14.32 -8.18 -2.49
N ILE A 737 15.42 -8.92 -2.29
CA ILE A 737 16.19 -9.57 -3.39
C ILE A 737 16.51 -10.99 -2.96
N ASP A 738 16.54 -11.92 -3.92
CA ASP A 738 16.98 -13.32 -3.70
C ASP A 738 18.37 -13.26 -3.05
N THR A 739 18.56 -13.92 -1.90
CA THR A 739 19.86 -13.93 -1.20
C THR A 739 20.84 -14.81 -1.98
N LYS A 740 20.41 -15.99 -2.43
CA LYS A 740 21.23 -16.89 -3.27
C LYS A 740 21.85 -16.03 -4.37
N SER A 741 21.03 -15.26 -5.10
CA SER A 741 21.46 -14.50 -6.31
C SER A 741 22.24 -13.22 -5.93
N LEU A 742 21.98 -12.63 -4.76
CA LEU A 742 22.78 -11.47 -4.29
C LEU A 742 24.22 -11.96 -4.09
N LEU A 743 24.38 -13.09 -3.42
CA LEU A 743 25.71 -13.69 -3.13
C LEU A 743 26.45 -14.03 -4.43
N ASP A 744 25.75 -14.37 -5.54
CA ASP A 744 26.38 -14.54 -6.89
C ASP A 744 27.01 -13.21 -7.31
N ALA A 745 26.20 -12.20 -7.62
CA ALA A 745 26.63 -10.86 -8.07
C ALA A 745 27.82 -10.36 -7.23
N SER A 746 27.79 -10.55 -5.92
CA SER A 746 28.81 -10.00 -4.99
C SER A 746 30.11 -10.78 -5.07
N GLU A 747 30.04 -12.08 -5.31
CA GLU A 747 31.21 -12.96 -5.57
C GLU A 747 31.82 -12.53 -6.90
N GLU A 748 30.99 -12.38 -7.94
CA GLU A 748 31.39 -11.91 -9.31
C GLU A 748 32.01 -10.52 -9.20
N ALA A 749 31.45 -9.65 -8.35
CA ALA A 749 31.96 -8.28 -8.10
C ALA A 749 33.34 -8.35 -7.43
N ILE A 750 33.55 -9.23 -6.45
CA ILE A 750 34.86 -9.36 -5.77
C ILE A 750 35.88 -9.91 -6.77
N LYS A 751 35.46 -10.80 -7.67
CA LYS A 751 36.35 -11.36 -8.74
C LYS A 751 36.85 -10.20 -9.63
N LYS A 752 35.94 -9.53 -10.36
CA LYS A 752 36.30 -8.41 -11.28
C LYS A 752 37.12 -7.38 -10.49
N ASP A 753 36.70 -7.02 -9.26
CA ASP A 753 37.34 -5.97 -8.43
C ASP A 753 38.64 -6.50 -7.80
N LEU A 754 38.97 -7.78 -7.96
CA LEU A 754 40.29 -8.34 -7.59
C LEU A 754 41.28 -7.96 -8.71
N ASP A 755 40.91 -8.24 -9.96
CA ASP A 755 41.70 -7.91 -11.18
C ASP A 755 42.25 -6.48 -11.04
N LYS A 756 41.41 -5.52 -10.62
CA LYS A 756 41.76 -4.07 -10.51
C LYS A 756 42.83 -3.86 -9.44
N CYS A 757 43.11 -4.87 -8.62
CA CYS A 757 44.28 -4.93 -7.70
C CYS A 757 45.45 -5.66 -8.38
N LYS A 758 45.20 -6.76 -9.10
CA LYS A 758 46.21 -7.48 -9.92
C LYS A 758 46.82 -6.50 -10.93
N VAL A 759 45.97 -5.78 -11.66
CA VAL A 759 46.35 -4.80 -12.72
C VAL A 759 46.20 -3.37 -12.15
N ALA A 760 46.56 -3.18 -10.88
CA ALA A 760 46.93 -1.89 -10.25
C ALA A 760 48.46 -1.83 -10.15
N MET A 761 49.10 -2.95 -9.80
CA MET A 761 50.57 -3.15 -9.86
C MET A 761 51.03 -3.19 -11.32
N ALA A 762 50.36 -4.01 -12.15
CA ALA A 762 50.72 -4.28 -13.57
C ALA A 762 50.60 -3.01 -14.42
N ASN A 763 49.74 -2.06 -14.02
CA ASN A 763 49.73 -0.67 -14.52
C ASN A 763 50.78 0.13 -13.73
N MET A 764 50.63 0.13 -12.40
CA MET A 764 51.47 0.78 -11.36
C MET A 764 50.75 2.02 -10.84
N GLN A 765 49.92 1.82 -9.82
CA GLN A 765 49.31 2.88 -8.97
C GLN A 765 49.28 2.36 -7.53
N PRO A 766 49.71 3.16 -6.52
CA PRO A 766 49.68 2.72 -5.12
C PRO A 766 48.32 2.81 -4.41
N GLN A 767 47.40 3.65 -4.90
CA GLN A 767 46.07 3.89 -4.28
C GLN A 767 44.98 3.03 -4.93
N MET A 768 45.16 2.60 -6.19
CA MET A 768 44.21 1.69 -6.90
C MET A 768 44.26 0.29 -6.28
N LEU A 769 45.27 0.01 -5.46
CA LEU A 769 45.26 -1.10 -4.47
C LEU A 769 44.21 -0.76 -3.41
N VAL A 770 44.37 0.40 -2.76
CA VAL A 770 43.54 0.84 -1.60
C VAL A 770 42.10 1.15 -2.07
N ALA A 771 41.88 1.48 -3.36
CA ALA A 771 40.55 1.69 -3.99
C ALA A 771 39.96 0.35 -4.45
N GLY A 772 40.82 -0.60 -4.83
CA GLY A 772 40.45 -2.00 -5.12
C GLY A 772 40.47 -2.85 -3.86
N ALA A 773 40.63 -2.24 -2.68
CA ALA A 773 40.30 -2.83 -1.37
C ALA A 773 39.47 -1.86 -0.52
N THR A 774 38.87 -0.82 -1.14
CA THR A 774 37.64 -0.13 -0.65
C THR A 774 36.44 -1.02 -0.97
N SER A 775 36.58 -1.77 -2.07
CA SER A 775 35.61 -2.79 -2.55
C SER A 775 35.62 -3.95 -1.57
N ILE A 776 36.68 -4.77 -1.62
CA ILE A 776 36.70 -6.11 -0.98
C ILE A 776 36.70 -5.92 0.54
N ALA A 777 36.97 -4.72 1.05
CA ALA A 777 36.76 -4.34 2.46
C ALA A 777 35.26 -4.37 2.77
N ARG A 778 34.50 -3.44 2.19
CA ARG A 778 33.07 -3.18 2.49
C ARG A 778 32.19 -4.27 1.86
N ARG A 779 32.63 -4.88 0.77
CA ARG A 779 31.91 -5.94 0.00
C ARG A 779 31.86 -7.23 0.84
N ALA A 780 33.02 -7.74 1.26
CA ALA A 780 33.12 -8.94 2.10
C ALA A 780 32.46 -8.66 3.44
N ASN A 781 32.45 -7.41 3.90
CA ASN A 781 31.75 -6.99 5.15
C ASN A 781 30.24 -6.98 4.94
N ARG A 782 29.78 -6.98 3.69
CA ARG A 782 28.34 -6.90 3.37
C ARG A 782 27.77 -8.32 3.30
N ILE A 783 28.53 -9.24 2.69
CA ILE A 783 28.18 -10.69 2.61
C ILE A 783 28.10 -11.29 4.02
N LEU A 784 28.85 -10.77 4.99
CA LEU A 784 28.73 -11.19 6.41
C LEU A 784 27.46 -10.60 7.02
N LEU A 785 27.11 -9.37 6.65
CA LEU A 785 25.88 -8.69 7.15
C LEU A 785 24.69 -9.50 6.63
N VAL A 786 24.71 -9.83 5.34
CA VAL A 786 23.59 -10.50 4.63
C VAL A 786 23.36 -11.89 5.24
N ALA A 787 24.43 -12.59 5.67
CA ALA A 787 24.35 -13.91 6.34
C ALA A 787 23.99 -13.71 7.81
N LYS A 788 24.41 -12.61 8.45
CA LYS A 788 24.03 -12.32 9.85
C LYS A 788 22.51 -12.04 9.91
N ARG A 789 21.90 -11.52 8.84
CA ARG A 789 20.43 -11.27 8.81
C ARG A 789 19.70 -12.61 8.73
N GLU A 790 20.18 -13.53 7.88
CA GLU A 790 19.50 -14.81 7.57
C GLU A 790 19.59 -15.74 8.78
N VAL A 791 20.68 -15.74 9.55
CA VAL A 791 20.78 -16.57 10.78
C VAL A 791 19.88 -16.00 11.89
N GLU A 792 19.73 -14.69 11.98
CA GLU A 792 18.77 -14.06 12.93
C GLU A 792 17.34 -14.47 12.54
N ASN A 793 17.14 -14.74 11.24
CA ASN A 793 15.83 -15.03 10.64
C ASN A 793 15.48 -16.53 10.74
N SER A 794 16.46 -17.44 10.66
CA SER A 794 16.14 -18.89 10.65
C SER A 794 16.06 -19.43 12.06
N GLU A 795 15.41 -20.59 12.18
CA GLU A 795 15.40 -21.50 13.35
C GLU A 795 15.68 -22.95 12.91
N ASP A 796 16.47 -23.17 11.86
CA ASP A 796 16.89 -24.52 11.41
C ASP A 796 18.37 -24.68 11.73
N PRO A 797 18.73 -25.20 12.94
CA PRO A 797 20.12 -25.26 13.38
C PRO A 797 21.11 -25.80 12.34
N LYS A 798 20.63 -26.76 11.51
CA LYS A 798 21.40 -27.42 10.42
C LYS A 798 21.81 -26.38 9.38
N PHE A 799 20.95 -25.43 9.06
CA PHE A 799 21.23 -24.29 8.15
C PHE A 799 22.01 -23.21 8.92
N ARG A 800 21.39 -22.77 10.01
CA ARG A 800 21.88 -21.78 10.99
C ARG A 800 23.36 -22.00 11.29
N GLU A 801 23.84 -23.24 11.40
CA GLU A 801 25.25 -23.52 11.84
C GLU A 801 26.18 -23.72 10.64
N ALA A 802 25.67 -24.22 9.53
CA ALA A 802 26.47 -24.37 8.29
C ALA A 802 26.86 -22.98 7.79
N VAL A 803 26.05 -21.93 8.01
CA VAL A 803 26.30 -20.54 7.51
C VAL A 803 27.00 -19.71 8.60
N LYS A 804 26.67 -19.92 9.87
CA LYS A 804 27.46 -19.37 11.00
C LYS A 804 28.90 -19.89 10.95
N ALA A 805 29.17 -20.99 10.23
CA ALA A 805 30.50 -21.62 10.04
C ALA A 805 31.23 -20.92 8.89
N ALA A 806 30.65 -20.95 7.68
CA ALA A 806 31.21 -20.27 6.49
C ALA A 806 31.31 -18.76 6.74
N SER A 807 30.57 -18.21 7.70
CA SER A 807 30.81 -16.84 8.24
C SER A 807 32.21 -16.83 8.89
N ASP A 808 32.42 -17.66 9.91
CA ASP A 808 33.72 -17.73 10.65
C ASP A 808 34.83 -17.72 9.62
N GLU A 809 34.84 -18.72 8.73
CA GLU A 809 35.95 -18.97 7.77
C GLU A 809 35.89 -17.90 6.66
N LEU A 810 35.82 -16.62 7.06
CA LEU A 810 35.76 -15.44 6.15
C LEU A 810 35.87 -14.15 6.97
N SER A 811 35.21 -14.07 8.14
CA SER A 811 35.22 -12.91 9.06
C SER A 811 36.66 -12.60 9.50
N LYS A 812 37.44 -13.65 9.74
CA LYS A 812 38.89 -13.59 10.06
C LYS A 812 39.67 -13.27 8.78
N THR A 813 39.30 -13.85 7.62
CA THR A 813 39.98 -13.63 6.30
C THR A 813 39.71 -12.22 5.76
N ILE A 814 39.72 -11.21 6.64
CA ILE A 814 39.80 -9.77 6.28
C ILE A 814 41.28 -9.33 6.43
N SER A 815 42.16 -10.20 6.92
CA SER A 815 43.63 -9.97 7.11
C SER A 815 44.31 -9.78 5.75
N PRO A 816 44.27 -10.76 4.81
CA PRO A 816 45.11 -10.71 3.61
C PRO A 816 44.51 -9.80 2.54
N MET A 817 43.93 -8.66 2.99
CA MET A 817 43.64 -7.46 2.18
C MET A 817 43.61 -6.18 3.02
N VAL A 818 43.61 -6.25 4.36
CA VAL A 818 43.72 -5.03 5.23
C VAL A 818 45.21 -4.85 5.55
N MET A 819 45.74 -5.51 6.58
CA MET A 819 47.20 -5.52 6.89
C MET A 819 47.88 -6.54 5.96
N ASP A 820 47.81 -6.26 4.65
CA ASP A 820 48.50 -7.00 3.55
C ASP A 820 48.70 -6.02 2.40
N ALA A 821 47.61 -5.39 1.92
CA ALA A 821 47.63 -4.24 0.99
C ALA A 821 48.11 -2.96 1.71
N LYS A 822 48.01 -2.93 3.05
CA LYS A 822 48.59 -1.85 3.90
C LYS A 822 50.13 -1.93 3.86
N ALA A 823 50.68 -3.15 3.94
CA ALA A 823 52.12 -3.45 3.89
C ALA A 823 52.70 -3.01 2.54
N VAL A 824 52.18 -3.57 1.44
CA VAL A 824 52.75 -3.38 0.06
C VAL A 824 51.98 -2.27 -0.66
N ALA A 825 51.73 -1.15 0.03
CA ALA A 825 51.21 0.11 -0.56
C ALA A 825 52.39 0.86 -1.19
N GLY A 826 52.51 0.77 -2.52
CA GLY A 826 53.62 1.33 -3.32
C GLY A 826 54.50 0.23 -3.90
N ASN A 827 54.86 -0.74 -3.06
CA ASN A 827 55.77 -1.88 -3.39
C ASN A 827 55.34 -2.63 -4.65
N ILE A 828 56.32 -3.06 -5.43
CA ILE A 828 56.16 -4.07 -6.52
C ILE A 828 57.21 -5.17 -6.28
N SER A 829 57.59 -5.39 -5.01
CA SER A 829 58.64 -6.36 -4.58
C SER A 829 58.17 -7.80 -4.81
N ASP A 830 58.16 -8.23 -6.08
CA ASP A 830 57.34 -9.33 -6.66
C ASP A 830 57.06 -10.45 -5.64
N PRO A 831 58.07 -11.18 -5.10
CA PRO A 831 57.79 -12.29 -4.17
C PRO A 831 57.05 -11.90 -2.89
N GLY A 832 57.35 -10.73 -2.32
CA GLY A 832 56.83 -10.26 -1.00
C GLY A 832 55.52 -9.49 -1.11
N LEU A 833 54.95 -9.38 -2.31
CA LEU A 833 53.58 -8.83 -2.53
C LEU A 833 52.62 -10.01 -2.68
N GLN A 834 52.88 -10.88 -3.66
CA GLN A 834 51.92 -11.91 -4.18
C GLN A 834 51.90 -13.18 -3.33
N LYS A 835 52.92 -13.41 -2.48
CA LYS A 835 53.08 -14.65 -1.67
C LYS A 835 52.05 -14.70 -0.52
N SER A 836 51.52 -13.54 -0.09
CA SER A 836 50.46 -13.41 0.95
C SER A 836 49.21 -12.75 0.38
N PHE A 837 49.34 -11.83 -0.61
CA PHE A 837 48.21 -11.08 -1.21
C PHE A 837 47.36 -12.03 -2.06
N LEU A 838 47.88 -12.50 -3.20
CA LEU A 838 47.08 -13.33 -4.15
C LEU A 838 46.71 -14.66 -3.46
N ASP A 839 47.69 -15.33 -2.81
CA ASP A 839 47.54 -16.65 -2.14
C ASP A 839 46.29 -16.66 -1.25
N SER A 840 46.25 -15.78 -0.25
CA SER A 840 45.19 -15.76 0.79
C SER A 840 43.97 -14.97 0.28
N GLY A 841 44.20 -14.03 -0.65
CA GLY A 841 43.16 -13.18 -1.25
C GLY A 841 42.23 -13.95 -2.18
N TYR A 842 42.72 -14.95 -2.90
CA TYR A 842 41.87 -15.81 -3.77
C TYR A 842 41.21 -16.93 -2.94
N ARG A 843 41.74 -17.24 -1.74
CA ARG A 843 41.10 -18.19 -0.80
C ARG A 843 39.98 -17.45 -0.06
N ILE A 844 40.00 -16.11 -0.09
CA ILE A 844 38.86 -15.23 0.37
C ILE A 844 37.64 -15.51 -0.52
N LEU A 845 37.86 -15.62 -1.84
CA LEU A 845 36.80 -15.93 -2.83
C LEU A 845 36.37 -17.40 -2.70
N GLY A 846 37.27 -18.28 -2.24
CA GLY A 846 36.97 -19.69 -1.96
C GLY A 846 36.03 -19.84 -0.76
N ALA A 847 36.16 -18.94 0.24
CA ALA A 847 35.33 -18.92 1.47
C ALA A 847 33.93 -18.41 1.11
N VAL A 848 33.87 -17.20 0.56
CA VAL A 848 32.65 -16.62 -0.07
C VAL A 848 31.86 -17.76 -0.70
N ALA A 849 32.51 -18.63 -1.49
CA ALA A 849 31.82 -19.67 -2.30
C ALA A 849 31.39 -20.85 -1.42
N LYS A 850 31.99 -21.04 -0.24
CA LYS A 850 31.51 -22.01 0.78
C LYS A 850 30.25 -21.47 1.46
N VAL A 851 30.25 -20.16 1.81
CA VAL A 851 29.07 -19.38 2.31
C VAL A 851 27.91 -19.55 1.32
N ARG A 852 28.16 -19.42 0.02
CA ARG A 852 27.14 -19.59 -1.05
C ARG A 852 26.58 -21.01 -0.94
N GLU A 853 27.45 -22.02 -0.79
CA GLU A 853 27.08 -23.46 -0.74
C GLU A 853 26.34 -23.79 0.57
N ALA A 854 26.55 -23.03 1.64
CA ALA A 854 25.80 -23.16 2.91
C ALA A 854 24.30 -22.84 2.69
N PHE A 855 23.96 -21.98 1.73
CA PHE A 855 22.54 -21.71 1.32
C PHE A 855 22.04 -22.84 0.42
N GLN A 856 22.86 -23.27 -0.54
CA GLN A 856 22.50 -24.34 -1.52
C GLN A 856 21.95 -25.55 -0.77
N PRO A 857 21.00 -26.31 -1.37
CA PRO A 857 20.31 -27.41 -0.68
C PRO A 857 21.21 -28.20 0.29
N GLN A 858 20.74 -28.40 1.53
CA GLN A 858 21.43 -29.17 2.61
C GLN A 858 21.09 -30.67 2.47
N GLU A 859 19.79 -31.00 2.41
CA GLU A 859 19.25 -32.39 2.48
C GLU A 859 19.47 -33.12 1.15
N PRO A 860 19.04 -32.59 -0.03
CA PRO A 860 19.03 -33.38 -1.27
C PRO A 860 20.36 -33.44 -2.04
N ASP A 861 20.52 -34.50 -2.86
CA ASP A 861 21.78 -34.90 -3.54
C ASP A 861 21.63 -34.74 -5.06
N PHE A 862 22.69 -35.01 -5.83
CA PHE A 862 22.83 -34.61 -7.28
C PHE A 862 22.22 -35.64 -8.25
N PRO A 863 22.37 -36.98 -8.07
CA PRO A 863 21.80 -37.94 -9.03
C PRO A 863 20.40 -38.50 -8.76
N PRO A 864 19.33 -38.08 -9.50
CA PRO A 864 17.98 -38.67 -9.36
C PRO A 864 17.78 -40.00 -10.10
N PRO A 865 16.66 -40.73 -9.85
CA PRO A 865 16.43 -42.04 -10.47
C PRO A 865 15.58 -42.10 -11.75
N PRO A 866 16.09 -42.71 -12.86
CA PRO A 866 15.27 -43.05 -14.04
C PRO A 866 14.90 -44.52 -14.22
N PRO A 867 13.65 -44.95 -13.92
CA PRO A 867 13.27 -46.37 -13.89
C PRO A 867 12.72 -47.03 -15.17
N ASP A 868 13.61 -47.45 -16.08
CA ASP A 868 13.27 -48.03 -17.40
C ASP A 868 13.40 -49.57 -17.38
N LEU A 869 12.39 -50.24 -16.83
CA LEU A 869 12.25 -51.72 -16.77
C LEU A 869 11.41 -52.17 -17.98
N GLU A 870 12.02 -52.76 -19.04
CA GLU A 870 11.33 -52.98 -20.36
C GLU A 870 10.21 -54.02 -20.22
N HIS A 871 9.04 -53.62 -19.68
CA HIS A 871 7.84 -54.48 -19.53
C HIS A 871 7.67 -55.29 -20.82
N LEU A 872 7.83 -56.62 -20.76
CA LEU A 872 7.57 -57.54 -21.90
C LEU A 872 6.09 -57.99 -21.82
N HIS A 873 5.70 -59.02 -22.60
CA HIS A 873 4.29 -59.44 -22.82
C HIS A 873 4.09 -60.95 -22.66
N LEU A 874 4.71 -61.60 -21.67
CA LEU A 874 4.47 -63.04 -21.37
C LEU A 874 3.05 -63.17 -20.82
N THR A 875 2.11 -63.59 -21.69
CA THR A 875 0.64 -63.72 -21.44
C THR A 875 0.35 -64.55 -20.19
N ASP A 876 -0.70 -64.18 -19.44
CA ASP A 876 -1.18 -64.91 -18.22
C ASP A 876 -2.40 -65.75 -18.60
N GLU A 877 -2.33 -67.08 -18.40
CA GLU A 877 -3.45 -68.02 -18.61
C GLU A 877 -4.21 -68.20 -17.29
N LEU A 878 -5.11 -67.26 -16.96
CA LEU A 878 -6.09 -67.35 -15.84
C LEU A 878 -7.48 -67.66 -16.42
N ALA A 879 -7.74 -68.91 -16.85
CA ALA A 879 -9.01 -69.36 -17.48
C ALA A 879 -10.13 -69.45 -16.44
N PRO A 880 -11.31 -68.81 -16.67
CA PRO A 880 -12.43 -68.85 -15.73
C PRO A 880 -13.56 -69.85 -16.00
N PRO A 881 -13.52 -71.06 -15.39
CA PRO A 881 -14.71 -71.92 -15.26
C PRO A 881 -15.57 -71.65 -14.01
N LYS A 882 -16.47 -72.59 -13.67
CA LYS A 882 -17.30 -72.61 -12.42
C LYS A 882 -17.41 -74.05 -11.92
N PRO A 883 -17.13 -74.33 -10.62
CA PRO A 883 -17.01 -75.72 -10.10
C PRO A 883 -18.29 -76.54 -10.01
N PRO A 884 -18.22 -77.87 -9.70
CA PRO A 884 -19.39 -78.77 -9.72
C PRO A 884 -20.29 -78.97 -8.49
N LEU A 885 -19.74 -79.16 -7.27
CA LEU A 885 -20.55 -79.53 -6.05
C LEU A 885 -21.02 -78.30 -5.26
N PRO A 886 -20.26 -77.19 -5.14
CA PRO A 886 -20.81 -75.91 -4.68
C PRO A 886 -21.43 -75.09 -5.83
N GLU A 887 -21.97 -73.90 -5.55
CA GLU A 887 -22.56 -73.01 -6.58
C GLU A 887 -22.44 -71.53 -6.16
N GLY A 888 -22.25 -70.64 -7.14
CA GLY A 888 -22.19 -69.17 -6.99
C GLY A 888 -20.98 -68.72 -6.18
N GLU A 889 -19.93 -68.23 -6.85
CA GLU A 889 -18.65 -67.80 -6.22
C GLU A 889 -17.97 -66.74 -7.10
N VAL A 890 -17.59 -65.58 -6.53
CA VAL A 890 -16.89 -64.48 -7.25
C VAL A 890 -16.20 -63.54 -6.25
N PRO A 891 -15.34 -62.60 -6.74
CA PRO A 891 -14.78 -61.51 -5.92
C PRO A 891 -15.74 -60.55 -5.21
N PRO A 892 -15.25 -59.58 -4.38
CA PRO A 892 -16.11 -58.73 -3.53
C PRO A 892 -17.18 -57.86 -4.21
N PRO A 893 -18.17 -57.33 -3.44
CA PRO A 893 -19.20 -56.43 -3.98
C PRO A 893 -18.83 -54.95 -3.95
N ARG A 894 -19.66 -54.09 -4.59
CA ARG A 894 -19.40 -52.62 -4.77
C ARG A 894 -20.41 -51.78 -3.97
N PRO A 895 -19.95 -50.96 -2.99
CA PRO A 895 -20.81 -50.03 -2.27
C PRO A 895 -20.99 -48.66 -2.94
N PRO A 896 -21.81 -47.73 -2.38
CA PRO A 896 -22.06 -46.40 -2.98
C PRO A 896 -20.90 -45.48 -3.39
N PRO A 897 -19.77 -45.36 -2.62
CA PRO A 897 -18.69 -44.41 -2.94
C PRO A 897 -18.07 -44.49 -4.33
N PRO A 898 -17.41 -43.40 -4.82
CA PRO A 898 -16.97 -43.31 -6.22
C PRO A 898 -15.51 -43.73 -6.45
N GLU A 899 -15.02 -43.57 -7.69
CA GLU A 899 -13.56 -43.64 -8.04
C GLU A 899 -12.88 -42.35 -7.53
N GLU A 900 -12.86 -41.28 -8.33
CA GLU A 900 -12.20 -40.00 -7.96
C GLU A 900 -12.66 -38.90 -8.95
N LYS A 901 -12.86 -37.68 -8.46
CA LYS A 901 -13.30 -36.50 -9.27
C LYS A 901 -12.74 -35.22 -8.60
N ASP A 902 -13.20 -34.03 -9.03
CA ASP A 902 -12.92 -32.75 -8.31
C ASP A 902 -13.83 -31.62 -8.81
N GLU A 903 -14.63 -31.03 -7.93
CA GLU A 903 -15.77 -30.14 -8.31
C GLU A 903 -15.22 -28.81 -8.82
N GLU A 904 -15.12 -28.68 -10.15
CA GLU A 904 -14.62 -27.45 -10.83
C GLU A 904 -15.82 -26.52 -11.07
N PHE A 905 -15.56 -25.32 -11.59
CA PHE A 905 -16.32 -24.07 -11.32
C PHE A 905 -17.62 -24.02 -12.13
N PRO A 906 -18.76 -23.63 -11.50
CA PRO A 906 -19.99 -23.40 -12.24
C PRO A 906 -19.94 -22.03 -12.94
N GLU A 907 -19.06 -21.90 -13.95
CA GLU A 907 -18.67 -20.59 -14.55
C GLU A 907 -19.87 -19.97 -15.27
N GLN A 908 -20.69 -19.22 -14.53
CA GLN A 908 -22.02 -18.72 -14.97
C GLN A 908 -21.84 -17.59 -15.99
N LYS A 909 -22.63 -17.64 -17.07
CA LYS A 909 -22.63 -16.68 -18.20
C LYS A 909 -23.82 -16.98 -19.12
N ALA A 910 -23.98 -16.19 -20.19
CA ALA A 910 -24.96 -16.35 -21.29
C ALA A 910 -26.37 -15.88 -20.86
N GLY A 911 -26.57 -14.56 -20.73
CA GLY A 911 -27.88 -13.93 -20.45
C GLY A 911 -28.31 -14.02 -18.99
N GLU A 912 -27.40 -14.38 -18.08
CA GLU A 912 -27.68 -14.53 -16.61
C GLU A 912 -27.41 -13.19 -15.93
N ALA A 913 -28.11 -12.90 -14.83
CA ALA A 913 -27.90 -11.69 -14.01
C ALA A 913 -27.12 -12.09 -12.75
N ILE A 914 -25.85 -11.66 -12.65
CA ILE A 914 -24.99 -11.90 -11.47
C ILE A 914 -24.32 -10.58 -11.06
N ASN A 915 -23.60 -10.55 -9.93
CA ASN A 915 -22.69 -9.45 -9.55
C ASN A 915 -21.33 -9.75 -10.20
N GLN A 916 -20.95 -8.95 -11.20
CA GLN A 916 -19.81 -9.22 -12.11
C GLN A 916 -18.49 -9.15 -11.33
N PRO A 917 -18.28 -8.18 -10.41
CA PRO A 917 -17.11 -8.21 -9.54
C PRO A 917 -17.07 -9.39 -8.56
N MET A 918 -18.21 -9.76 -7.97
CA MET A 918 -18.28 -10.84 -6.95
C MET A 918 -17.87 -12.16 -7.59
N MET A 919 -18.40 -12.51 -8.78
CA MET A 919 -18.06 -13.78 -9.51
C MET A 919 -16.56 -13.73 -9.80
N MET A 920 -16.12 -12.59 -10.31
CA MET A 920 -14.72 -12.33 -10.70
C MET A 920 -13.82 -12.43 -9.46
N ALA A 921 -14.34 -12.13 -8.26
CA ALA A 921 -13.63 -12.37 -6.98
C ALA A 921 -13.55 -13.88 -6.72
N ALA A 922 -14.65 -14.59 -6.95
CA ALA A 922 -14.80 -16.02 -6.65
C ALA A 922 -13.97 -16.84 -7.65
N ARG A 923 -14.04 -16.48 -8.92
CA ARG A 923 -13.31 -17.19 -10.02
C ARG A 923 -11.79 -17.08 -9.81
N GLN A 924 -11.30 -16.03 -9.12
CA GLN A 924 -9.87 -15.75 -8.88
C GLN A 924 -9.29 -16.61 -7.76
N LEU A 925 -10.05 -16.86 -6.72
CA LEU A 925 -9.60 -17.72 -5.61
C LEU A 925 -9.54 -19.12 -6.18
N HIS A 926 -10.58 -19.52 -6.93
CA HIS A 926 -10.63 -20.86 -7.59
C HIS A 926 -9.31 -21.05 -8.33
N ASP A 927 -9.00 -20.17 -9.28
CA ASP A 927 -7.79 -20.26 -10.13
C ASP A 927 -6.60 -20.66 -9.26
N GLU A 928 -6.41 -20.01 -8.12
CA GLU A 928 -5.20 -20.28 -7.31
C GLU A 928 -5.30 -21.66 -6.67
N ALA A 929 -6.45 -22.01 -6.10
CA ALA A 929 -6.62 -23.23 -5.29
C ALA A 929 -6.75 -24.43 -6.23
N ARG A 930 -7.32 -24.20 -7.41
CA ARG A 930 -7.43 -25.11 -8.59
C ARG A 930 -6.04 -25.73 -8.89
N LYS A 931 -4.96 -24.96 -8.71
CA LYS A 931 -3.58 -25.44 -8.98
C LYS A 931 -3.28 -26.74 -8.20
N TRP A 932 -3.85 -26.93 -7.02
CA TRP A 932 -3.31 -27.88 -6.02
C TRP A 932 -4.30 -29.01 -5.76
N SER A 933 -3.78 -30.17 -5.42
CA SER A 933 -4.64 -31.30 -5.04
C SER A 933 -5.23 -30.95 -3.69
N SER A 934 -6.52 -31.26 -3.52
CA SER A 934 -7.29 -31.06 -2.27
C SER A 934 -7.23 -32.29 -1.39
N LYS A 935 -6.24 -33.20 -1.56
CA LYS A 935 -6.38 -34.60 -1.09
C LYS A 935 -5.84 -34.79 0.34
N GLY A 936 -4.69 -34.26 0.71
CA GLY A 936 -4.32 -34.27 2.14
C GLY A 936 -4.52 -32.90 2.76
N ASN A 937 -5.29 -32.03 2.08
CA ASN A 937 -5.14 -30.55 2.14
C ASN A 937 -6.49 -29.85 2.28
N ASP A 938 -6.99 -29.73 3.51
CA ASP A 938 -8.28 -29.07 3.83
C ASP A 938 -8.20 -27.56 3.51
N ILE A 939 -7.02 -26.94 3.49
CA ILE A 939 -6.87 -25.50 3.14
C ILE A 939 -7.33 -25.29 1.70
N ILE A 940 -6.76 -26.04 0.75
CA ILE A 940 -7.22 -25.99 -0.67
C ILE A 940 -8.70 -26.41 -0.73
N ALA A 941 -9.07 -27.53 -0.08
CA ALA A 941 -10.45 -28.04 0.01
C ALA A 941 -11.40 -26.87 0.35
N ALA A 942 -11.23 -26.31 1.56
CA ALA A 942 -11.90 -25.09 2.06
C ALA A 942 -11.87 -23.97 1.00
N ALA A 943 -10.69 -23.53 0.62
CA ALA A 943 -10.52 -22.45 -0.37
C ALA A 943 -11.41 -22.72 -1.57
N LYS A 944 -11.47 -23.95 -2.06
CA LYS A 944 -12.26 -24.28 -3.27
C LYS A 944 -13.76 -24.15 -2.96
N ARG A 945 -14.20 -24.62 -1.79
CA ARG A 945 -15.63 -24.52 -1.37
C ARG A 945 -15.95 -23.03 -1.22
N MET A 946 -15.06 -22.28 -0.55
CA MET A 946 -15.24 -20.83 -0.25
C MET A 946 -15.55 -20.11 -1.56
N ALA A 947 -14.83 -20.44 -2.63
CA ALA A 947 -14.94 -19.73 -3.92
C ALA A 947 -16.15 -20.26 -4.67
N LEU A 948 -16.64 -21.46 -4.33
CA LEU A 948 -17.90 -22.01 -4.91
C LEU A 948 -19.08 -21.27 -4.26
N LEU A 949 -19.09 -21.16 -2.93
CA LEU A 949 -20.17 -20.43 -2.23
C LEU A 949 -20.18 -18.95 -2.69
N MET A 950 -19.02 -18.34 -2.93
CA MET A 950 -18.86 -16.91 -3.35
C MET A 950 -19.30 -16.76 -4.82
N ALA A 951 -19.53 -17.84 -5.55
CA ALA A 951 -20.15 -17.80 -6.90
C ALA A 951 -21.67 -17.93 -6.78
N GLU A 952 -22.14 -18.69 -5.77
CA GLU A 952 -23.58 -18.79 -5.39
C GLU A 952 -24.03 -17.41 -4.92
N MET A 953 -23.29 -16.79 -3.98
CA MET A 953 -23.58 -15.44 -3.43
C MET A 953 -23.60 -14.43 -4.59
N SER A 954 -22.78 -14.60 -5.63
CA SER A 954 -22.79 -13.76 -6.86
C SER A 954 -24.16 -13.85 -7.56
N ARG A 955 -24.76 -15.05 -7.60
CA ARG A 955 -26.07 -15.35 -8.25
C ARG A 955 -27.21 -15.23 -7.21
N LEU A 956 -26.90 -15.17 -5.92
CA LEU A 956 -27.86 -15.10 -4.78
C LEU A 956 -28.09 -13.62 -4.37
N VAL A 957 -27.69 -12.65 -5.21
CA VAL A 957 -27.75 -11.17 -4.97
C VAL A 957 -28.66 -10.51 -6.02
N ARG A 958 -28.18 -10.38 -7.27
CA ARG A 958 -28.83 -9.58 -8.35
C ARG A 958 -30.23 -10.13 -8.64
N GLY A 959 -31.16 -9.24 -9.00
CA GLY A 959 -32.61 -9.55 -8.94
C GLY A 959 -32.95 -10.08 -7.56
N GLY A 960 -32.92 -11.41 -7.39
CA GLY A 960 -33.17 -12.08 -6.10
C GLY A 960 -34.63 -12.47 -5.94
N SER A 961 -34.87 -13.64 -5.33
CA SER A 961 -36.20 -14.30 -5.14
C SER A 961 -36.67 -14.11 -3.68
N GLY A 962 -37.21 -15.18 -3.07
CA GLY A 962 -37.44 -15.30 -1.62
C GLY A 962 -36.38 -16.18 -0.96
N ASN A 963 -35.13 -15.99 -1.38
CA ASN A 963 -33.93 -16.76 -0.97
C ASN A 963 -33.01 -15.82 -0.17
N LYS A 964 -33.58 -15.19 0.85
CA LYS A 964 -32.85 -14.41 1.87
C LYS A 964 -32.24 -15.41 2.85
N ARG A 965 -32.97 -16.49 3.11
CA ARG A 965 -32.55 -17.62 3.97
C ARG A 965 -31.34 -18.34 3.35
N ALA A 966 -31.22 -18.29 2.01
CA ALA A 966 -30.08 -18.87 1.24
C ALA A 966 -28.84 -18.02 1.45
N LEU A 967 -28.98 -16.72 1.22
CA LEU A 967 -27.91 -15.70 1.39
C LEU A 967 -27.37 -15.73 2.82
N ILE A 968 -28.14 -16.23 3.79
CA ILE A 968 -27.70 -16.24 5.22
C ILE A 968 -26.86 -17.49 5.43
N GLN A 969 -27.19 -18.59 4.73
CA GLN A 969 -26.53 -19.92 4.85
C GLN A 969 -25.24 -19.92 4.03
N CYS A 970 -25.31 -19.45 2.78
CA CYS A 970 -24.17 -19.27 1.86
C CYS A 970 -23.04 -18.51 2.59
N ALA A 971 -23.34 -17.34 3.15
CA ALA A 971 -22.40 -16.56 3.97
C ALA A 971 -22.15 -17.24 5.32
N LYS A 972 -23.00 -18.17 5.76
CA LYS A 972 -22.76 -18.86 7.05
C LYS A 972 -21.65 -19.90 6.83
N ASP A 973 -21.79 -20.65 5.73
CA ASP A 973 -20.84 -21.66 5.20
C ASP A 973 -19.48 -21.01 4.92
N ILE A 974 -19.49 -19.90 4.18
CA ILE A 974 -18.25 -19.16 3.85
C ILE A 974 -17.53 -18.86 5.15
N ALA A 975 -18.22 -18.36 6.16
CA ALA A 975 -17.57 -18.09 7.47
C ALA A 975 -16.94 -19.37 8.03
N LYS A 976 -17.65 -20.50 7.96
CA LYS A 976 -17.23 -21.78 8.60
C LYS A 976 -15.98 -22.31 7.86
N ALA A 977 -15.94 -22.14 6.54
CA ALA A 977 -14.80 -22.55 5.70
C ALA A 977 -13.59 -21.72 6.14
N SER A 978 -13.62 -20.44 5.83
CA SER A 978 -12.61 -19.48 6.30
C SER A 978 -12.09 -19.89 7.69
N ASP A 979 -12.91 -20.36 8.63
CA ASP A 979 -12.41 -20.62 10.00
C ASP A 979 -11.48 -21.82 9.97
N GLU A 980 -11.69 -22.75 9.01
CA GLU A 980 -10.82 -23.93 8.75
C GLU A 980 -9.48 -23.42 8.19
N VAL A 981 -9.54 -22.60 7.15
CA VAL A 981 -8.32 -22.01 6.54
C VAL A 981 -7.48 -21.43 7.67
N THR A 982 -8.08 -20.55 8.45
CA THR A 982 -7.38 -19.87 9.56
C THR A 982 -6.85 -20.94 10.51
N ARG A 983 -7.56 -22.06 10.72
CA ARG A 983 -7.12 -23.08 11.74
C ARG A 983 -5.77 -23.61 11.29
N LEU A 984 -5.70 -23.91 10.00
CA LEU A 984 -4.63 -24.69 9.38
C LEU A 984 -3.46 -23.78 9.07
N ALA A 985 -3.70 -22.66 8.38
CA ALA A 985 -2.72 -21.58 8.13
C ALA A 985 -1.98 -21.23 9.42
N LYS A 986 -2.60 -21.27 10.60
CA LYS A 986 -1.88 -20.99 11.85
C LYS A 986 -0.97 -22.17 12.19
N GLU A 987 -1.41 -23.40 11.99
CA GLU A 987 -0.61 -24.61 12.35
C GLU A 987 0.64 -24.72 11.46
N VAL A 988 0.49 -24.40 10.17
CA VAL A 988 1.58 -24.26 9.18
C VAL A 988 2.61 -23.26 9.69
N ALA A 989 2.22 -22.01 9.90
CA ALA A 989 3.11 -20.93 10.34
C ALA A 989 3.89 -21.41 11.59
N LYS A 990 3.20 -22.11 12.48
CA LYS A 990 3.69 -22.45 13.84
C LYS A 990 4.84 -23.47 13.72
N GLN A 991 4.98 -24.07 12.54
CA GLN A 991 5.89 -25.22 12.27
C GLN A 991 7.05 -24.76 11.41
N CYS A 992 7.02 -23.51 10.97
CA CYS A 992 7.87 -22.96 9.89
C CYS A 992 9.04 -22.23 10.49
N THR A 993 10.25 -22.49 10.02
CA THR A 993 11.50 -22.05 10.68
C THR A 993 12.00 -20.73 10.10
N ASP A 994 11.42 -20.24 9.00
CA ASP A 994 11.75 -18.95 8.33
C ASP A 994 10.82 -17.83 8.86
N LYS A 995 11.36 -16.88 9.62
CA LYS A 995 10.49 -15.96 10.39
C LYS A 995 9.77 -14.95 9.50
N ARG A 996 10.41 -14.45 8.46
CA ARG A 996 9.76 -13.50 7.53
C ARG A 996 8.64 -14.23 6.81
N ILE A 997 8.80 -15.50 6.51
CA ILE A 997 7.75 -16.31 5.82
C ILE A 997 6.61 -16.55 6.80
N ARG A 998 6.95 -16.89 8.05
CA ARG A 998 5.99 -17.15 9.14
C ARG A 998 5.14 -15.92 9.37
N THR A 999 5.80 -14.84 9.81
CA THR A 999 5.17 -13.56 10.19
C THR A 999 4.28 -13.06 9.04
N ASN A 1000 4.74 -13.10 7.80
CA ASN A 1000 3.95 -12.50 6.68
C ASN A 1000 2.74 -13.40 6.39
N LEU A 1001 2.72 -14.62 6.94
CA LEU A 1001 1.62 -15.63 6.78
C LEU A 1001 0.55 -15.36 7.83
N LEU A 1002 0.94 -15.22 9.11
CA LEU A 1002 0.05 -14.78 10.21
C LEU A 1002 -0.59 -13.41 9.87
N GLN A 1003 0.14 -12.50 9.23
CA GLN A 1003 -0.40 -11.15 8.94
C GLN A 1003 -1.52 -11.22 7.90
N VAL A 1004 -1.47 -12.12 6.93
CA VAL A 1004 -2.50 -12.17 5.86
C VAL A 1004 -3.67 -13.08 6.28
N CYS A 1005 -3.51 -13.92 7.29
CA CYS A 1005 -4.49 -14.99 7.62
C CYS A 1005 -5.19 -14.61 8.91
N GLU A 1006 -4.72 -13.58 9.60
CA GLU A 1006 -5.45 -13.13 10.81
C GLU A 1006 -6.43 -12.00 10.45
N ARG A 1007 -6.32 -11.41 9.25
CA ARG A 1007 -7.43 -10.66 8.59
C ARG A 1007 -8.72 -11.50 8.47
N ILE A 1008 -8.65 -12.83 8.36
CA ILE A 1008 -9.81 -13.59 7.79
C ILE A 1008 -10.93 -13.73 8.82
N PRO A 1009 -10.66 -13.99 10.11
CA PRO A 1009 -11.69 -14.08 11.13
C PRO A 1009 -12.59 -12.84 11.23
N THR A 1010 -12.02 -11.64 11.13
CA THR A 1010 -12.80 -10.38 11.13
C THR A 1010 -13.54 -10.33 9.79
N ILE A 1011 -12.82 -10.45 8.67
CA ILE A 1011 -13.42 -10.20 7.34
C ILE A 1011 -14.67 -11.08 7.18
N SER A 1012 -14.60 -12.32 7.63
CA SER A 1012 -15.71 -13.30 7.46
C SER A 1012 -16.82 -12.90 8.43
N THR A 1013 -16.49 -12.51 9.66
CA THR A 1013 -17.47 -11.94 10.62
C THR A 1013 -18.23 -10.76 9.99
N GLN A 1014 -17.53 -9.82 9.33
CA GLN A 1014 -18.21 -8.72 8.63
C GLN A 1014 -19.08 -9.33 7.52
N LEU A 1015 -18.52 -10.11 6.62
CA LEU A 1015 -19.29 -10.71 5.50
C LEU A 1015 -20.59 -11.35 6.01
N LYS A 1016 -20.60 -11.97 7.20
CA LYS A 1016 -21.83 -12.53 7.86
C LYS A 1016 -22.86 -11.41 8.10
N ILE A 1017 -22.44 -10.32 8.78
CA ILE A 1017 -23.28 -9.13 9.13
C ILE A 1017 -23.84 -8.50 7.87
N LEU A 1018 -23.01 -8.09 6.92
CA LEU A 1018 -23.46 -7.56 5.62
C LEU A 1018 -24.44 -8.53 4.96
N SER A 1019 -24.26 -9.86 5.08
CA SER A 1019 -25.17 -10.86 4.44
C SER A 1019 -26.52 -10.91 5.20
N THR A 1020 -26.51 -10.86 6.54
CA THR A 1020 -27.73 -10.84 7.40
C THR A 1020 -28.56 -9.58 7.08
N VAL A 1021 -27.92 -8.42 6.94
CA VAL A 1021 -28.48 -7.15 6.39
C VAL A 1021 -29.05 -7.41 4.99
N LYS A 1022 -28.28 -7.13 3.92
CA LYS A 1022 -28.73 -7.10 2.50
C LYS A 1022 -29.87 -8.09 2.23
N ALA A 1023 -29.94 -9.18 3.00
CA ALA A 1023 -31.06 -10.14 3.00
C ALA A 1023 -32.34 -9.34 3.17
N THR A 1024 -32.39 -8.54 4.24
CA THR A 1024 -33.57 -7.74 4.67
C THR A 1024 -34.02 -6.76 3.57
N MET A 1025 -33.16 -6.46 2.60
CA MET A 1025 -33.35 -5.38 1.58
C MET A 1025 -33.50 -5.97 0.16
N LEU A 1026 -33.95 -7.21 0.02
CA LEU A 1026 -33.87 -7.92 -1.29
C LEU A 1026 -35.20 -7.76 -2.03
N GLY A 1027 -35.25 -6.76 -2.94
CA GLY A 1027 -36.45 -6.32 -3.66
C GLY A 1027 -37.65 -6.13 -2.75
N ARG A 1028 -37.81 -4.94 -2.13
CA ARG A 1028 -38.83 -4.66 -1.08
C ARG A 1028 -39.61 -3.35 -1.34
N THR A 1029 -39.17 -2.21 -0.77
CA THR A 1029 -39.85 -0.89 -0.84
C THR A 1029 -39.02 0.07 -1.70
N ASN A 1030 -39.61 1.20 -2.11
CA ASN A 1030 -39.04 2.09 -3.16
C ASN A 1030 -37.85 2.90 -2.62
N ILE A 1031 -37.94 3.49 -1.41
CA ILE A 1031 -36.80 4.24 -0.78
C ILE A 1031 -35.70 3.23 -0.39
N SER A 1032 -36.09 1.99 -0.02
CA SER A 1032 -35.17 0.86 0.27
C SER A 1032 -34.23 0.64 -0.92
N ASP A 1033 -34.72 0.81 -2.16
CA ASP A 1033 -34.07 0.32 -3.40
C ASP A 1033 -32.99 1.28 -3.92
N GLU A 1034 -32.65 2.35 -3.18
CA GLU A 1034 -31.44 3.17 -3.45
C GLU A 1034 -30.39 2.97 -2.35
N GLU A 1035 -30.76 2.38 -1.21
CA GLU A 1035 -29.84 1.85 -0.17
C GLU A 1035 -29.27 0.51 -0.63
N SER A 1036 -30.16 -0.42 -1.03
CA SER A 1036 -29.84 -1.80 -1.47
C SER A 1036 -28.96 -1.78 -2.73
N GLU A 1037 -28.76 -0.62 -3.38
CA GLU A 1037 -27.82 -0.52 -4.53
C GLU A 1037 -26.45 -0.08 -4.04
N GLN A 1038 -26.36 0.76 -3.00
CA GLN A 1038 -25.04 1.22 -2.46
C GLN A 1038 -24.54 0.22 -1.41
N ALA A 1039 -25.44 -0.54 -0.77
CA ALA A 1039 -25.08 -1.48 0.32
C ALA A 1039 -24.40 -2.75 -0.24
N THR A 1040 -24.48 -3.02 -1.56
CA THR A 1040 -23.69 -4.11 -2.22
C THR A 1040 -22.22 -3.68 -2.16
N GLU A 1041 -21.90 -2.45 -2.59
CA GLU A 1041 -20.51 -1.91 -2.71
C GLU A 1041 -19.66 -2.39 -1.52
N MET A 1042 -20.21 -2.30 -0.31
CA MET A 1042 -19.56 -2.70 0.96
C MET A 1042 -19.31 -4.21 1.01
N LEU A 1043 -20.36 -4.98 0.73
CA LEU A 1043 -20.36 -6.47 0.65
C LEU A 1043 -19.49 -6.95 -0.52
N VAL A 1044 -19.66 -6.37 -1.70
CA VAL A 1044 -18.76 -6.57 -2.88
C VAL A 1044 -17.31 -6.39 -2.45
N HIS A 1045 -16.89 -5.18 -2.05
CA HIS A 1045 -15.48 -4.88 -1.65
C HIS A 1045 -15.10 -5.70 -0.42
N ASN A 1046 -16.10 -6.20 0.33
CA ASN A 1046 -15.81 -7.07 1.50
C ASN A 1046 -15.58 -8.50 1.04
N ALA A 1047 -16.19 -8.92 -0.07
CA ALA A 1047 -15.99 -10.27 -0.67
C ALA A 1047 -14.65 -10.32 -1.41
N GLN A 1048 -14.34 -9.27 -2.16
CA GLN A 1048 -13.05 -9.08 -2.88
C GLN A 1048 -11.90 -9.36 -1.91
N ASN A 1049 -11.95 -8.76 -0.73
CA ASN A 1049 -10.91 -8.83 0.34
C ASN A 1049 -10.71 -10.26 0.80
N LEU A 1050 -11.81 -10.98 1.04
CA LEU A 1050 -11.78 -12.38 1.58
C LEU A 1050 -11.10 -13.29 0.56
N MET A 1051 -11.56 -13.24 -0.70
CA MET A 1051 -10.99 -14.02 -1.82
C MET A 1051 -9.52 -13.66 -1.94
N GLN A 1052 -9.18 -12.38 -2.08
CA GLN A 1052 -7.76 -11.94 -2.10
C GLN A 1052 -7.07 -12.43 -0.83
N SER A 1053 -7.60 -12.23 0.37
CA SER A 1053 -6.78 -12.48 1.59
C SER A 1053 -6.62 -13.99 1.80
N VAL A 1054 -7.57 -14.77 1.30
CA VAL A 1054 -7.52 -16.27 1.39
C VAL A 1054 -6.54 -16.74 0.34
N LYS A 1055 -6.68 -16.24 -0.90
CA LYS A 1055 -5.73 -16.54 -2.00
C LYS A 1055 -4.28 -16.33 -1.53
N GLU A 1056 -3.98 -15.33 -0.72
CA GLU A 1056 -2.58 -15.08 -0.32
C GLU A 1056 -2.22 -15.94 0.89
N THR A 1057 -3.20 -16.48 1.61
CA THR A 1057 -2.95 -17.39 2.76
C THR A 1057 -2.57 -18.71 2.13
N VAL A 1058 -3.16 -19.04 1.00
CA VAL A 1058 -2.94 -20.37 0.35
C VAL A 1058 -1.49 -20.44 -0.09
N ARG A 1059 -1.08 -19.41 -0.83
CA ARG A 1059 0.26 -19.25 -1.40
C ARG A 1059 1.26 -19.26 -0.25
N GLU A 1060 1.12 -18.34 0.68
CA GLU A 1060 2.10 -18.17 1.76
C GLU A 1060 2.10 -19.47 2.58
N ALA A 1061 0.98 -20.17 2.66
CA ALA A 1061 0.88 -21.41 3.48
C ALA A 1061 1.79 -22.49 2.85
N GLU A 1062 1.70 -22.68 1.53
CA GLU A 1062 2.56 -23.56 0.72
C GLU A 1062 4.02 -23.10 0.83
N ALA A 1063 4.27 -21.80 0.67
CA ALA A 1063 5.60 -21.21 0.89
C ALA A 1063 6.15 -21.64 2.25
N ALA A 1064 5.35 -21.66 3.29
CA ALA A 1064 5.85 -21.82 4.68
C ALA A 1064 5.90 -23.31 5.01
N SER A 1065 5.42 -24.09 4.05
CA SER A 1065 5.30 -25.56 4.13
C SER A 1065 6.70 -26.15 3.99
N ILE A 1066 7.46 -25.55 3.07
CA ILE A 1066 8.81 -26.00 2.59
C ILE A 1066 9.85 -25.92 3.70
N LYS A 1067 9.94 -24.81 4.43
CA LYS A 1067 10.98 -24.58 5.46
C LYS A 1067 10.41 -25.00 6.83
N ILE A 1068 10.06 -26.29 6.99
CA ILE A 1068 9.42 -26.80 8.24
C ILE A 1068 10.45 -27.49 9.09
N ARG A 1069 10.19 -27.52 10.40
CA ARG A 1069 11.15 -28.00 11.43
C ARG A 1069 11.57 -29.46 11.15
N THR A 1070 12.65 -29.90 11.82
CA THR A 1070 13.25 -31.26 11.72
C THR A 1070 12.21 -32.30 12.14
N ASP A 1071 11.72 -32.23 13.37
CA ASP A 1071 10.84 -33.25 13.98
C ASP A 1071 9.40 -32.71 14.04
N ALA A 1072 8.98 -32.02 12.98
CA ALA A 1072 7.72 -31.25 12.89
C ALA A 1072 6.52 -32.19 12.68
N GLY A 1073 5.48 -32.04 13.50
CA GLY A 1073 4.20 -32.77 13.38
C GLY A 1073 3.38 -32.30 12.19
N PHE A 1074 2.47 -31.35 12.41
CA PHE A 1074 1.52 -30.88 11.36
C PHE A 1074 2.24 -30.69 10.01
N THR A 1075 1.85 -31.39 8.94
CA THR A 1075 2.19 -31.08 7.53
C THR A 1075 1.05 -31.42 6.56
N LEU A 1076 0.60 -30.51 5.71
CA LEU A 1076 -0.44 -30.79 4.69
C LEU A 1076 0.27 -31.18 3.41
N ARG A 1077 -0.46 -31.73 2.46
CA ARG A 1077 0.08 -32.29 1.18
C ARG A 1077 -0.02 -31.21 0.09
N TRP A 1078 1.11 -30.65 -0.34
CA TRP A 1078 1.17 -29.76 -1.53
C TRP A 1078 1.67 -30.54 -2.76
N VAL A 1079 0.74 -30.87 -3.66
CA VAL A 1079 1.02 -31.54 -4.97
C VAL A 1079 0.20 -30.81 -6.02
N ARG A 1080 0.86 -30.11 -6.92
CA ARG A 1080 0.19 -29.51 -8.09
C ARG A 1080 -0.76 -30.56 -8.69
N LYS A 1081 -1.84 -30.11 -9.28
CA LYS A 1081 -2.87 -30.97 -9.92
C LYS A 1081 -2.40 -31.26 -11.34
N THR A 1082 -2.31 -32.53 -11.71
CA THR A 1082 -1.94 -32.99 -13.08
C THR A 1082 -3.07 -33.83 -13.63
N PRO A 1083 -3.01 -34.19 -14.94
CA PRO A 1083 -3.83 -35.27 -15.49
C PRO A 1083 -3.72 -36.56 -14.66
N TRP A 1084 -2.54 -36.82 -14.06
CA TRP A 1084 -2.25 -38.05 -13.27
C TRP A 1084 -2.33 -37.83 -11.75
N TYR A 1085 -2.52 -36.59 -11.30
CA TYR A 1085 -2.90 -36.26 -9.89
C TYR A 1085 -4.09 -35.30 -9.91
N GLN A 1086 -5.33 -35.83 -9.88
CA GLN A 1086 -6.59 -35.05 -10.03
C GLN A 1086 -7.05 -34.52 -8.65
#